data_1NMU
#
_entry.id   1NMU
#
_cell.length_a   79.650
_cell.length_b   118.390
_cell.length_c   153.780
_cell.angle_alpha   90.00
_cell.angle_beta   90.00
_cell.angle_gamma   90.00
#
_symmetry.space_group_name_H-M   'P 21 21 21'
#
loop_
_entity.id
_entity.type
_entity.pdbx_description
1 polymer 'maltose-binding periplasmic protein'
2 polymer '60S ribosomal protein L30'
3 branched alpha-D-glucopyranose-(1-4)-alpha-D-glucopyranose-(1-4)-alpha-D-glucopyranose-(1-4)-alpha-D-glucopyranose
4 water water
#
loop_
_entity_poly.entity_id
_entity_poly.type
_entity_poly.pdbx_seq_one_letter_code
_entity_poly.pdbx_strand_id
1 'polypeptide(L)'
;MKIEEGKLVIWINGDKGYNGLAEVGKKFEKDTGIKVTVEHPDKLEEKFPQVAATGDGPDIIFWAHDRFGGYAQSGLLAEI
TPDKAFQDKLYPFTWDAVRYNGKLIAYPIAVEALSLIYNKDLLPNPPKTWEEIPALDKELKAKGKSALMFNLQEPYFTWP
LIAADGGYAFKYENGKYDIKDVGVDNAGAKAGLTFLVDLIKNKHMNADTDYSIAEAAFNKGETAMTINGPWAWSNIDTSK
VNYGVTVLPTFKGQPSKPFVGVLSAGINAASPNKELAKEFLENYLLTDEGLEAVNKDKPLGAVALKSYEEELAKDPRIAA
TMENAQKGEIMPNIPQMSAFWYAVRTAVINAASGRQTVDEALKDAQTNSSSVPGRGSIEGRA
;
A,C
2 'polypeptide(L)'
;APVKSQESINQKLALVIKSGKYTLGYKSTVKSLRQGKSKLIIIAANTPVLRKSELEYYAMLSKTKVYYFQGGNNELGTAV
GKLFRVGVVSILEAGDSDILTTLA
;
B,D
#
loop_
_chem_comp.id
_chem_comp.type
_chem_comp.name
_chem_comp.formula
GLC D-saccharide, alpha linking alpha-D-glucopyranose 'C6 H12 O6'
#
# COMPACT_ATOMS: atom_id res chain seq x y z
N GLU A 4 -2.38 -19.77 13.20
CA GLU A 4 -2.66 -21.22 13.40
C GLU A 4 -1.98 -21.75 14.66
N GLU A 5 -2.68 -22.61 15.39
CA GLU A 5 -2.13 -23.19 16.61
C GLU A 5 -1.16 -24.31 16.26
N GLY A 6 -0.04 -24.38 16.99
CA GLY A 6 0.94 -25.42 16.72
C GLY A 6 2.17 -24.95 15.96
N LYS A 7 2.28 -23.63 15.77
CA LYS A 7 3.42 -23.06 15.08
C LYS A 7 3.61 -21.60 15.52
N LEU A 8 4.86 -21.15 15.53
CA LEU A 8 5.15 -19.79 15.89
C LEU A 8 5.65 -19.01 14.68
N VAL A 9 5.08 -17.84 14.46
CA VAL A 9 5.53 -16.98 13.37
C VAL A 9 6.18 -15.77 14.06
N ILE A 10 7.40 -15.47 13.65
CA ILE A 10 8.13 -14.37 14.23
C ILE A 10 8.51 -13.29 13.21
N TRP A 11 8.38 -12.03 13.63
CA TRP A 11 8.75 -10.90 12.79
C TRP A 11 9.91 -10.16 13.45
N ILE A 12 11.00 -9.99 12.71
CA ILE A 12 12.15 -9.27 13.20
C ILE A 12 12.71 -8.45 12.05
N ASN A 13 13.30 -7.31 12.36
CA ASN A 13 13.83 -6.44 11.34
C ASN A 13 14.95 -7.05 10.51
N GLY A 14 15.00 -6.70 9.23
CA GLY A 14 15.99 -7.22 8.31
C GLY A 14 17.47 -6.93 8.61
N ASP A 15 17.76 -6.01 9.52
CA ASP A 15 19.15 -5.73 9.84
C ASP A 15 19.67 -6.51 11.03
N LYS A 16 18.80 -7.35 11.61
CA LYS A 16 19.18 -8.17 12.76
C LYS A 16 19.49 -9.61 12.32
N GLY A 17 19.98 -10.43 13.25
CA GLY A 17 20.34 -11.79 12.92
C GLY A 17 19.18 -12.77 12.80
N TYR A 18 18.32 -12.55 11.82
CA TYR A 18 17.17 -13.42 11.65
C TYR A 18 17.54 -14.86 11.27
N ASN A 19 18.71 -15.06 10.66
CA ASN A 19 19.11 -16.44 10.34
C ASN A 19 19.49 -17.14 11.64
N GLY A 20 20.14 -16.39 12.52
CA GLY A 20 20.55 -16.93 13.81
C GLY A 20 19.33 -17.25 14.64
N LEU A 21 18.33 -16.37 14.58
CA LEU A 21 17.10 -16.59 15.31
C LEU A 21 16.43 -17.85 14.75
N ALA A 22 16.50 -18.03 13.45
CA ALA A 22 15.91 -19.21 12.82
C ALA A 22 16.61 -20.49 13.30
N GLU A 23 17.85 -20.36 13.76
CA GLU A 23 18.58 -21.53 14.27
C GLU A 23 17.91 -21.92 15.59
N VAL A 24 17.71 -20.92 16.44
CA VAL A 24 17.07 -21.13 17.73
C VAL A 24 15.67 -21.69 17.51
N GLY A 25 15.03 -21.29 16.42
CA GLY A 25 13.70 -21.79 16.14
C GLY A 25 13.75 -23.22 15.64
N LYS A 26 14.82 -23.55 14.92
CA LYS A 26 14.99 -24.89 14.38
C LYS A 26 15.19 -25.86 15.55
N LYS A 27 15.95 -25.43 16.55
CA LYS A 27 16.18 -26.26 17.72
C LYS A 27 14.85 -26.47 18.44
N PHE A 28 14.15 -25.36 18.66
CA PHE A 28 12.87 -25.40 19.34
C PHE A 28 11.95 -26.43 18.67
N GLU A 29 11.96 -26.44 17.35
CA GLU A 29 11.13 -27.37 16.60
C GLU A 29 11.50 -28.83 16.88
N LYS A 30 12.80 -29.12 16.89
CA LYS A 30 13.25 -30.49 17.15
C LYS A 30 12.81 -30.96 18.53
N ASP A 31 12.99 -30.10 19.53
CA ASP A 31 12.65 -30.41 20.91
C ASP A 31 11.16 -30.50 21.22
N THR A 32 10.34 -29.72 20.53
CA THR A 32 8.91 -29.71 20.80
C THR A 32 8.04 -30.12 19.63
N GLY A 33 8.59 -30.09 18.42
CA GLY A 33 7.81 -30.46 17.26
C GLY A 33 6.94 -29.31 16.75
N ILE A 34 7.20 -28.12 17.27
CA ILE A 34 6.45 -26.94 16.85
C ILE A 34 7.28 -26.15 15.87
N LYS A 35 6.76 -26.01 14.65
CA LYS A 35 7.46 -25.30 13.59
C LYS A 35 7.54 -23.81 13.88
N VAL A 36 8.72 -23.25 13.66
CA VAL A 36 8.94 -21.83 13.88
C VAL A 36 9.34 -21.20 12.55
N THR A 37 8.71 -20.08 12.21
CA THR A 37 9.03 -19.41 10.97
C THR A 37 9.41 -17.97 11.24
N VAL A 38 10.59 -17.58 10.77
CA VAL A 38 11.08 -16.22 10.94
C VAL A 38 10.96 -15.42 9.65
N GLU A 39 10.36 -14.25 9.74
CA GLU A 39 10.18 -13.35 8.62
C GLU A 39 10.75 -11.98 9.00
N HIS A 40 11.23 -11.25 8.01
CA HIS A 40 11.76 -9.91 8.25
C HIS A 40 11.11 -8.96 7.25
N PRO A 41 9.81 -8.71 7.41
CA PRO A 41 9.11 -7.80 6.51
C PRO A 41 9.60 -6.38 6.69
N ASP A 42 9.39 -5.55 5.67
CA ASP A 42 9.81 -4.16 5.70
C ASP A 42 8.74 -3.37 6.45
N LYS A 43 9.13 -2.32 7.16
CA LYS A 43 8.18 -1.50 7.91
C LYS A 43 7.32 -2.39 8.80
N LEU A 44 7.92 -3.46 9.33
CA LEU A 44 7.17 -4.38 10.16
C LEU A 44 6.61 -3.70 11.40
N GLU A 45 7.23 -2.61 11.82
CA GLU A 45 6.75 -1.92 13.01
C GLU A 45 5.52 -1.07 12.71
N GLU A 46 5.29 -0.78 11.43
CA GLU A 46 4.10 -0.02 11.04
C GLU A 46 2.99 -1.00 10.72
N LYS A 47 3.36 -2.14 10.12
CA LYS A 47 2.41 -3.19 9.75
C LYS A 47 1.81 -3.91 10.95
N PHE A 48 2.63 -4.27 11.92
CA PHE A 48 2.14 -4.99 13.10
C PHE A 48 0.88 -4.39 13.71
N PRO A 49 0.86 -3.08 13.95
CA PRO A 49 -0.35 -2.48 14.55
C PRO A 49 -1.55 -2.68 13.65
N GLN A 50 -1.34 -2.61 12.34
CA GLN A 50 -2.45 -2.76 11.42
C GLN A 50 -3.01 -4.18 11.39
N VAL A 51 -2.16 -5.18 11.17
CA VAL A 51 -2.64 -6.55 11.09
C VAL A 51 -2.98 -7.21 12.44
N ALA A 52 -2.34 -6.78 13.51
CA ALA A 52 -2.61 -7.37 14.82
C ALA A 52 -4.01 -6.95 15.26
N ALA A 53 -4.37 -5.71 14.92
CA ALA A 53 -5.67 -5.16 15.26
C ALA A 53 -6.82 -5.92 14.59
N THR A 54 -6.50 -6.77 13.63
CA THR A 54 -7.53 -7.53 12.92
C THR A 54 -7.39 -9.04 13.08
N GLY A 55 -6.79 -9.47 14.18
CA GLY A 55 -6.64 -10.89 14.42
C GLY A 55 -5.63 -11.55 13.51
N ASP A 56 -4.78 -10.75 12.87
CA ASP A 56 -3.74 -11.30 12.01
C ASP A 56 -2.39 -10.94 12.62
N GLY A 57 -1.32 -11.16 11.87
CA GLY A 57 -0.01 -10.81 12.40
C GLY A 57 0.73 -11.97 13.04
N PRO A 58 2.03 -11.81 13.26
CA PRO A 58 2.89 -12.84 13.86
C PRO A 58 2.56 -13.08 15.33
N ASP A 59 3.05 -14.20 15.87
CA ASP A 59 2.83 -14.53 17.28
C ASP A 59 3.77 -13.66 18.11
N ILE A 60 4.95 -13.40 17.54
CA ILE A 60 5.97 -12.60 18.20
C ILE A 60 6.49 -11.51 17.26
N ILE A 61 6.64 -10.32 17.81
CA ILE A 61 7.12 -9.18 17.07
C ILE A 61 8.38 -8.67 17.77
N PHE A 62 9.44 -8.45 16.99
CA PHE A 62 10.71 -7.94 17.49
C PHE A 62 10.95 -6.52 17.01
N TRP A 63 11.34 -5.64 17.94
CA TRP A 63 11.63 -4.27 17.60
C TRP A 63 12.22 -3.57 18.81
N ALA A 64 12.80 -2.41 18.60
CA ALA A 64 13.36 -1.65 19.71
C ALA A 64 12.18 -1.31 20.61
N HIS A 65 12.43 -1.23 21.91
CA HIS A 65 11.39 -0.96 22.89
C HIS A 65 10.53 0.30 22.72
N ASP A 66 11.02 1.31 22.01
CA ASP A 66 10.25 2.55 21.88
C ASP A 66 8.87 2.41 21.22
N ARG A 67 8.69 1.39 20.40
CA ARG A 67 7.42 1.17 19.70
C ARG A 67 6.34 0.42 20.49
N PHE A 68 6.71 -0.27 21.55
CA PHE A 68 5.75 -1.06 22.29
C PHE A 68 4.71 -0.36 23.13
N GLY A 69 5.01 0.83 23.63
CA GLY A 69 4.03 1.55 24.43
C GLY A 69 2.81 1.78 23.54
N GLY A 70 3.08 2.14 22.29
CA GLY A 70 2.02 2.37 21.33
C GLY A 70 1.21 1.09 21.15
N TYR A 71 1.89 -0.04 20.98
CA TYR A 71 1.21 -1.30 20.82
C TYR A 71 0.42 -1.67 22.07
N ALA A 72 1.04 -1.48 23.23
CA ALA A 72 0.40 -1.78 24.50
C ALA A 72 -0.87 -0.95 24.68
N GLN A 73 -0.78 0.34 24.38
CA GLN A 73 -1.94 1.22 24.53
C GLN A 73 -3.11 0.79 23.66
N SER A 74 -2.82 0.23 22.50
CA SER A 74 -3.86 -0.24 21.59
C SER A 74 -4.19 -1.69 21.91
N GLY A 75 -3.84 -2.11 23.12
CA GLY A 75 -4.10 -3.47 23.56
C GLY A 75 -3.75 -4.56 22.56
N LEU A 76 -2.58 -4.47 21.94
CA LEU A 76 -2.15 -5.45 20.94
C LEU A 76 -1.14 -6.46 21.49
N LEU A 77 -0.66 -6.22 22.69
CA LEU A 77 0.33 -7.10 23.30
C LEU A 77 -0.20 -7.92 24.47
N ALA A 78 0.21 -9.18 24.53
CA ALA A 78 -0.20 -10.04 25.63
C ALA A 78 0.72 -9.69 26.79
N GLU A 79 0.15 -9.47 27.96
CA GLU A 79 0.99 -9.13 29.10
C GLU A 79 1.85 -10.34 29.42
N ILE A 80 3.13 -10.10 29.66
CA ILE A 80 4.02 -11.20 29.99
C ILE A 80 4.22 -11.18 31.49
N THR A 81 4.39 -12.35 32.08
CA THR A 81 4.56 -12.41 33.52
C THR A 81 5.55 -13.48 33.93
N PRO A 82 6.84 -13.22 33.75
CA PRO A 82 7.86 -14.20 34.12
C PRO A 82 7.90 -14.24 35.64
N ASP A 83 8.21 -15.40 36.21
CA ASP A 83 8.29 -15.45 37.66
C ASP A 83 9.64 -14.83 38.03
N LYS A 84 9.73 -14.35 39.27
CA LYS A 84 10.94 -13.70 39.74
C LYS A 84 12.26 -14.40 39.39
N ALA A 85 12.26 -15.72 39.41
CA ALA A 85 13.48 -16.45 39.09
C ALA A 85 14.01 -16.10 37.70
N PHE A 86 13.11 -15.92 36.74
CA PHE A 86 13.54 -15.56 35.40
C PHE A 86 13.86 -14.08 35.33
N GLN A 87 12.99 -13.25 35.89
CA GLN A 87 13.24 -11.81 35.88
C GLN A 87 14.65 -11.50 36.39
N ASP A 88 15.12 -12.25 37.38
CA ASP A 88 16.45 -12.04 37.94
C ASP A 88 17.59 -12.37 36.99
N LYS A 89 17.31 -13.18 35.97
CA LYS A 89 18.32 -13.56 34.99
C LYS A 89 18.70 -12.39 34.07
N LEU A 90 17.81 -11.39 33.99
CA LEU A 90 18.02 -10.23 33.12
C LEU A 90 18.17 -8.94 33.92
N TYR A 91 18.85 -7.95 33.33
CA TYR A 91 19.06 -6.66 33.99
C TYR A 91 17.81 -5.80 34.12
N PRO A 92 17.57 -5.27 35.33
CA PRO A 92 16.41 -4.42 35.63
C PRO A 92 16.25 -3.21 34.68
N PHE A 93 17.34 -2.77 34.08
CA PHE A 93 17.33 -1.64 33.15
C PHE A 93 16.58 -2.05 31.88
N THR A 94 16.77 -3.29 31.45
CA THR A 94 16.12 -3.78 30.25
C THR A 94 14.63 -4.09 30.49
N TRP A 95 14.29 -4.51 31.71
CA TRP A 95 12.89 -4.79 32.04
C TRP A 95 12.11 -3.48 32.09
N ASP A 96 12.74 -2.44 32.61
CA ASP A 96 12.08 -1.15 32.73
C ASP A 96 11.75 -0.58 31.36
N ALA A 97 12.58 -0.92 30.38
CA ALA A 97 12.39 -0.46 29.01
C ALA A 97 11.10 -1.03 28.42
N VAL A 98 10.74 -2.24 28.85
CA VAL A 98 9.55 -2.90 28.33
C VAL A 98 8.38 -2.90 29.30
N ARG A 99 8.41 -1.96 30.24
CA ARG A 99 7.35 -1.83 31.22
C ARG A 99 6.51 -0.64 30.77
N TYR A 100 5.20 -0.84 30.69
CA TYR A 100 4.29 0.23 30.27
C TYR A 100 3.06 0.24 31.16
N ASN A 101 2.78 1.39 31.76
CA ASN A 101 1.64 1.49 32.65
C ASN A 101 1.79 0.48 33.77
N GLY A 102 3.03 0.26 34.19
CA GLY A 102 3.29 -0.68 35.26
C GLY A 102 3.11 -2.15 34.90
N LYS A 103 3.04 -2.46 33.61
CA LYS A 103 2.89 -3.85 33.19
C LYS A 103 4.00 -4.21 32.20
N LEU A 104 4.64 -5.35 32.41
CA LEU A 104 5.68 -5.77 31.47
C LEU A 104 4.95 -6.14 30.19
N ILE A 105 5.35 -5.54 29.07
CA ILE A 105 4.69 -5.81 27.81
C ILE A 105 5.52 -6.53 26.76
N ALA A 106 6.74 -6.92 27.10
CA ALA A 106 7.59 -7.63 26.15
C ALA A 106 8.82 -8.17 26.86
N TYR A 107 9.57 -9.00 26.16
CA TYR A 107 10.80 -9.54 26.71
C TYR A 107 11.99 -8.72 26.18
N PRO A 108 12.88 -8.27 27.08
CA PRO A 108 14.06 -7.48 26.68
C PRO A 108 15.06 -8.47 26.09
N ILE A 109 15.86 -8.04 25.12
CA ILE A 109 16.84 -8.97 24.55
C ILE A 109 18.26 -8.45 24.63
N ALA A 110 18.45 -7.20 24.17
CA ALA A 110 19.78 -6.59 24.15
C ALA A 110 19.70 -5.06 24.11
N VAL A 111 20.75 -4.41 24.62
CA VAL A 111 20.83 -2.97 24.65
C VAL A 111 21.66 -2.51 23.45
N GLU A 112 21.14 -1.53 22.71
CA GLU A 112 21.85 -1.03 21.55
C GLU A 112 22.11 0.48 21.60
N ALA A 113 23.22 0.88 21.01
CA ALA A 113 23.61 2.28 20.91
C ALA A 113 24.55 2.38 19.71
N LEU A 114 24.48 3.49 19.00
CA LEU A 114 25.34 3.69 17.84
C LEU A 114 26.74 4.04 18.31
N SER A 115 27.73 3.72 17.49
CA SER A 115 29.13 4.04 17.80
C SER A 115 29.80 4.55 16.54
N LEU A 116 30.99 5.12 16.70
CA LEU A 116 31.76 5.61 15.57
C LEU A 116 32.55 4.41 15.11
N ILE A 117 32.48 4.10 13.82
CA ILE A 117 33.22 2.98 13.27
C ILE A 117 34.19 3.58 12.25
N TYR A 118 35.48 3.26 12.40
CA TYR A 118 36.49 3.79 11.49
C TYR A 118 37.43 2.76 10.88
N ASN A 119 37.99 3.13 9.74
CA ASN A 119 38.92 2.28 9.02
C ASN A 119 40.30 2.63 9.59
N LYS A 120 40.88 1.71 10.36
CA LYS A 120 42.17 1.94 10.99
C LYS A 120 43.34 2.19 10.04
N ASP A 121 43.28 1.63 8.84
CA ASP A 121 44.34 1.85 7.88
C ASP A 121 44.24 3.26 7.31
N LEU A 122 43.01 3.77 7.17
CA LEU A 122 42.77 5.11 6.64
C LEU A 122 42.83 6.15 7.78
N LEU A 123 42.48 5.74 8.98
CA LEU A 123 42.48 6.66 10.12
C LEU A 123 43.08 6.06 11.38
N PRO A 124 44.39 5.89 11.42
CA PRO A 124 45.02 5.33 12.62
C PRO A 124 44.50 5.99 13.90
N ASN A 125 44.04 7.24 13.79
CA ASN A 125 43.49 7.93 14.94
C ASN A 125 42.21 8.63 14.54
N PRO A 126 41.06 8.14 15.01
CA PRO A 126 39.80 8.78 14.65
C PRO A 126 39.63 10.09 15.43
N PRO A 127 38.85 11.04 14.87
CA PRO A 127 38.53 12.36 15.42
C PRO A 127 37.76 12.27 16.72
N LYS A 128 38.11 13.12 17.68
CA LYS A 128 37.40 13.09 18.95
C LYS A 128 36.26 14.09 18.94
N THR A 129 36.24 14.96 17.94
CA THR A 129 35.21 15.99 17.82
C THR A 129 34.64 16.00 16.40
N TRP A 130 33.39 16.43 16.26
CA TRP A 130 32.74 16.52 14.95
C TRP A 130 33.39 17.61 14.11
N GLU A 131 33.77 18.70 14.79
CA GLU A 131 34.37 19.85 14.15
C GLU A 131 35.55 19.57 13.24
N GLU A 132 36.41 18.65 13.62
CA GLU A 132 37.57 18.35 12.80
C GLU A 132 37.28 17.47 11.59
N ILE A 133 36.04 17.09 11.39
CA ILE A 133 35.72 16.22 10.28
C ILE A 133 35.86 16.86 8.89
N PRO A 134 35.49 18.14 8.76
CA PRO A 134 35.62 18.77 7.43
C PRO A 134 37.07 18.77 6.91
N ALA A 135 38.02 19.14 7.77
CA ALA A 135 39.42 19.17 7.36
C ALA A 135 39.88 17.76 7.01
N LEU A 136 39.41 16.79 7.80
CA LEU A 136 39.75 15.40 7.61
C LEU A 136 39.23 14.92 6.27
N ASP A 137 38.07 15.43 5.87
CA ASP A 137 37.47 15.05 4.60
C ASP A 137 38.24 15.67 3.42
N LYS A 138 38.64 16.93 3.56
CA LYS A 138 39.40 17.57 2.49
C LYS A 138 40.66 16.77 2.23
N GLU A 139 41.28 16.30 3.31
CA GLU A 139 42.50 15.51 3.16
C GLU A 139 42.23 14.18 2.44
N LEU A 140 41.20 13.47 2.87
CA LEU A 140 40.87 12.19 2.26
C LEU A 140 40.38 12.28 0.83
N LYS A 141 39.72 13.39 0.49
CA LYS A 141 39.23 13.61 -0.87
C LYS A 141 40.43 13.75 -1.80
N ALA A 142 41.53 14.26 -1.25
CA ALA A 142 42.74 14.46 -2.02
C ALA A 142 43.37 13.12 -2.39
N LYS A 143 42.89 12.06 -1.75
CA LYS A 143 43.38 10.71 -2.00
C LYS A 143 42.29 9.83 -2.63
N GLY A 144 41.15 10.44 -2.95
CA GLY A 144 40.07 9.69 -3.55
C GLY A 144 39.16 9.00 -2.55
N LYS A 145 39.24 9.42 -1.29
CA LYS A 145 38.43 8.86 -0.23
C LYS A 145 37.60 9.95 0.44
N SER A 146 36.68 9.56 1.32
CA SER A 146 35.87 10.51 2.05
C SER A 146 36.00 10.20 3.53
N ALA A 147 35.77 11.19 4.38
CA ALA A 147 35.90 10.99 5.81
C ALA A 147 34.76 10.21 6.48
N LEU A 148 33.54 10.64 6.22
CA LEU A 148 32.36 10.05 6.84
C LEU A 148 31.15 9.78 5.93
N MET A 149 30.43 8.72 6.23
CA MET A 149 29.25 8.35 5.49
C MET A 149 28.39 7.48 6.37
N PHE A 150 27.15 7.91 6.58
CA PHE A 150 26.21 7.15 7.38
C PHE A 150 24.81 7.46 6.89
N ASN A 151 23.83 6.69 7.36
CA ASN A 151 22.46 6.88 6.92
C ASN A 151 21.83 8.22 7.34
N LEU A 152 21.58 9.07 6.35
CA LEU A 152 20.98 10.38 6.59
C LEU A 152 19.46 10.37 6.41
N GLN A 153 18.90 9.20 6.09
CA GLN A 153 17.46 9.09 5.91
C GLN A 153 16.69 8.79 7.20
N GLU A 154 17.37 8.24 8.21
CA GLU A 154 16.71 7.90 9.47
C GLU A 154 17.22 8.78 10.61
N PRO A 155 16.32 9.52 11.26
CA PRO A 155 16.69 10.41 12.38
C PRO A 155 17.43 9.73 13.53
N TYR A 156 17.34 8.41 13.60
CA TYR A 156 18.03 7.64 14.64
C TYR A 156 19.52 7.94 14.58
N PHE A 157 20.03 8.01 13.36
CA PHE A 157 21.44 8.23 13.12
C PHE A 157 21.95 9.65 13.25
N THR A 158 21.07 10.62 13.06
CA THR A 158 21.50 12.00 13.15
C THR A 158 21.20 12.59 14.51
N TRP A 159 20.27 11.97 15.21
CA TRP A 159 19.88 12.44 16.54
C TRP A 159 21.02 12.62 17.53
N PRO A 160 22.01 11.71 17.53
CA PRO A 160 23.12 11.85 18.47
C PRO A 160 23.78 13.22 18.39
N LEU A 161 23.91 13.73 17.16
CA LEU A 161 24.53 15.03 16.93
C LEU A 161 23.56 16.14 17.38
N ILE A 162 22.29 15.95 17.07
CA ILE A 162 21.25 16.92 17.38
C ILE A 162 21.03 17.04 18.88
N ALA A 163 21.25 15.93 19.58
CA ALA A 163 21.06 15.91 21.03
C ALA A 163 22.30 16.39 21.76
N ALA A 164 23.46 16.29 21.12
CA ALA A 164 24.72 16.69 21.74
C ALA A 164 24.66 18.02 22.52
N ASP A 165 24.24 19.09 21.86
CA ASP A 165 24.19 20.39 22.50
C ASP A 165 22.86 20.74 23.18
N GLY A 166 21.86 19.88 23.09
CA GLY A 166 20.61 20.21 23.75
C GLY A 166 19.31 19.55 23.36
N GLY A 167 19.24 18.97 22.17
CA GLY A 167 18.00 18.34 21.75
C GLY A 167 17.55 17.19 22.62
N TYR A 168 16.25 16.96 22.67
CA TYR A 168 15.65 15.87 23.45
C TYR A 168 14.22 15.66 22.96
N ALA A 169 13.65 14.48 23.20
CA ALA A 169 12.29 14.19 22.75
C ALA A 169 11.23 14.75 23.68
N PHE A 170 11.12 14.17 24.87
CA PHE A 170 10.16 14.62 25.86
C PHE A 170 10.88 14.80 27.18
N LYS A 171 10.54 15.87 27.87
CA LYS A 171 11.16 16.13 29.17
C LYS A 171 10.68 15.07 30.15
N TYR A 172 11.63 14.38 30.78
CA TYR A 172 11.31 13.34 31.74
C TYR A 172 11.28 13.99 33.11
N GLU A 173 10.08 14.30 33.58
CA GLU A 173 9.89 14.96 34.86
C GLU A 173 9.52 13.94 35.94
N ASN A 174 10.48 13.65 36.81
CA ASN A 174 10.31 12.71 37.92
C ASN A 174 9.44 11.49 37.63
N GLY A 175 10.02 10.50 36.95
CA GLY A 175 9.29 9.28 36.64
C GLY A 175 8.26 9.39 35.53
N LYS A 176 8.09 10.57 34.95
CA LYS A 176 7.11 10.74 33.88
C LYS A 176 7.56 11.66 32.74
N TYR A 177 7.07 11.36 31.53
CA TYR A 177 7.40 12.16 30.35
C TYR A 177 6.33 13.18 30.09
N ASP A 178 6.72 14.41 29.75
CA ASP A 178 5.77 15.48 29.47
C ASP A 178 5.61 15.60 27.95
N ILE A 179 4.51 15.07 27.42
CA ILE A 179 4.26 15.10 25.98
C ILE A 179 4.02 16.51 25.45
N LYS A 180 4.06 17.49 26.34
CA LYS A 180 3.85 18.88 25.97
C LYS A 180 5.18 19.60 25.87
N ASP A 181 6.15 19.16 26.68
CA ASP A 181 7.49 19.75 26.69
C ASP A 181 8.42 18.94 25.77
N VAL A 182 8.53 19.38 24.53
CA VAL A 182 9.38 18.72 23.54
C VAL A 182 10.62 19.58 23.33
N GLY A 183 11.77 18.95 23.13
CA GLY A 183 12.99 19.70 22.94
C GLY A 183 13.68 19.53 21.61
N VAL A 184 12.95 19.63 20.50
CA VAL A 184 13.60 19.48 19.21
C VAL A 184 13.76 20.85 18.58
N ASP A 185 13.21 21.86 19.24
CA ASP A 185 13.24 23.23 18.74
C ASP A 185 14.28 24.14 19.38
N ASN A 186 14.83 23.75 20.53
CA ASN A 186 15.79 24.60 21.21
C ASN A 186 17.08 24.88 20.44
N ALA A 187 17.86 25.81 20.96
CA ALA A 187 19.12 26.23 20.35
C ALA A 187 20.14 25.09 20.17
N GLY A 188 20.19 24.18 21.13
CA GLY A 188 21.12 23.06 21.03
C GLY A 188 20.85 22.25 19.78
N ALA A 189 19.60 21.81 19.63
CA ALA A 189 19.17 21.02 18.49
C ALA A 189 19.43 21.75 17.19
N LYS A 190 19.30 23.07 17.20
CA LYS A 190 19.52 23.85 15.99
C LYS A 190 20.99 23.86 15.62
N ALA A 191 21.85 23.95 16.63
CA ALA A 191 23.29 23.94 16.39
C ALA A 191 23.68 22.63 15.73
N GLY A 192 23.25 21.53 16.35
CA GLY A 192 23.57 20.22 15.83
C GLY A 192 23.15 20.05 14.38
N LEU A 193 21.88 20.28 14.10
CA LEU A 193 21.34 20.13 12.75
C LEU A 193 22.02 21.07 11.75
N THR A 194 22.35 22.26 12.21
CA THR A 194 22.99 23.22 11.33
C THR A 194 24.36 22.69 10.93
N PHE A 195 25.06 22.10 11.89
CA PHE A 195 26.37 21.57 11.62
C PHE A 195 26.27 20.46 10.57
N LEU A 196 25.18 19.69 10.65
CA LEU A 196 24.95 18.61 9.72
C LEU A 196 24.65 19.17 8.34
N VAL A 197 23.74 20.12 8.30
CA VAL A 197 23.37 20.73 7.04
C VAL A 197 24.61 21.32 6.35
N ASP A 198 25.47 21.99 7.11
CA ASP A 198 26.66 22.57 6.54
C ASP A 198 27.59 21.54 5.94
N LEU A 199 27.73 20.39 6.61
CA LEU A 199 28.58 19.32 6.09
C LEU A 199 28.12 18.97 4.70
N ILE A 200 26.81 18.88 4.52
CA ILE A 200 26.22 18.57 3.22
C ILE A 200 26.40 19.74 2.26
N LYS A 201 26.26 20.96 2.78
CA LYS A 201 26.41 22.16 1.97
C LYS A 201 27.82 22.24 1.42
N ASN A 202 28.78 21.89 2.27
CA ASN A 202 30.17 21.95 1.89
C ASN A 202 30.66 20.70 1.17
N LYS A 203 29.72 19.85 0.76
CA LYS A 203 30.03 18.63 0.02
C LYS A 203 30.72 17.53 0.81
N HIS A 204 30.81 17.68 2.13
CA HIS A 204 31.47 16.65 2.94
C HIS A 204 30.59 15.40 3.03
N MET A 205 29.29 15.58 2.83
CA MET A 205 28.33 14.49 2.85
C MET A 205 27.27 14.80 1.81
N ASN A 206 26.57 13.76 1.36
CA ASN A 206 25.51 13.88 0.38
C ASN A 206 24.19 13.59 1.09
N ALA A 207 23.18 14.42 0.86
CA ALA A 207 21.88 14.22 1.51
C ALA A 207 21.14 12.95 1.09
N ASP A 208 21.54 12.35 -0.03
CA ASP A 208 20.87 11.14 -0.49
C ASP A 208 21.41 9.87 0.13
N THR A 209 22.55 9.97 0.82
CA THR A 209 23.14 8.79 1.43
C THR A 209 22.21 8.08 2.42
N ASP A 210 21.95 6.80 2.15
CA ASP A 210 21.10 5.99 3.00
C ASP A 210 21.94 4.92 3.71
N TYR A 211 21.28 3.95 4.33
CA TYR A 211 22.00 2.91 5.04
C TYR A 211 22.86 2.07 4.10
N SER A 212 22.31 1.71 2.94
CA SER A 212 23.03 0.91 1.96
C SER A 212 24.25 1.61 1.39
N ILE A 213 24.06 2.83 0.91
CA ILE A 213 25.16 3.58 0.33
C ILE A 213 26.31 3.61 1.32
N ALA A 214 26.03 4.08 2.53
CA ALA A 214 27.06 4.19 3.58
C ALA A 214 27.73 2.86 3.90
N GLU A 215 26.96 1.83 4.19
CA GLU A 215 27.54 0.54 4.52
C GLU A 215 28.43 -0.03 3.40
N ALA A 216 28.03 0.18 2.14
CA ALA A 216 28.83 -0.33 1.03
C ALA A 216 30.14 0.41 0.88
N ALA A 217 30.08 1.73 1.06
CA ALA A 217 31.27 2.56 0.93
C ALA A 217 32.28 2.27 2.03
N PHE A 218 31.79 2.04 3.24
CA PHE A 218 32.72 1.76 4.32
C PHE A 218 33.34 0.40 4.17
N ASN A 219 32.49 -0.59 3.96
CA ASN A 219 32.96 -1.95 3.82
C ASN A 219 33.85 -2.13 2.59
N LYS A 220 33.87 -1.14 1.71
CA LYS A 220 34.72 -1.21 0.52
C LYS A 220 35.95 -0.31 0.68
N GLY A 221 36.12 0.27 1.86
CA GLY A 221 37.25 1.14 2.13
C GLY A 221 37.23 2.46 1.40
N GLU A 222 36.06 2.91 0.96
CA GLU A 222 35.93 4.18 0.24
C GLU A 222 35.84 5.38 1.19
N THR A 223 35.28 5.18 2.37
CA THR A 223 35.18 6.27 3.33
C THR A 223 35.84 5.80 4.61
N ALA A 224 36.41 6.74 5.37
CA ALA A 224 37.13 6.39 6.58
C ALA A 224 36.29 6.09 7.80
N MET A 225 35.06 6.59 7.85
CA MET A 225 34.21 6.36 9.00
C MET A 225 32.76 6.18 8.65
N THR A 226 32.01 5.60 9.58
CA THR A 226 30.59 5.42 9.43
C THR A 226 30.02 5.44 10.84
N ILE A 227 28.70 5.41 10.94
CA ILE A 227 28.06 5.40 12.25
C ILE A 227 27.01 4.31 12.15
N ASN A 228 27.07 3.36 13.08
CA ASN A 228 26.14 2.26 13.03
C ASN A 228 26.13 1.48 14.35
N GLY A 229 25.20 0.54 14.45
CA GLY A 229 25.07 -0.29 15.64
C GLY A 229 25.76 -1.64 15.53
N PRO A 230 25.73 -2.42 16.62
CA PRO A 230 26.35 -3.75 16.69
C PRO A 230 26.04 -4.68 15.52
N TRP A 231 24.79 -4.65 15.04
CA TRP A 231 24.38 -5.50 13.92
C TRP A 231 25.24 -5.35 12.66
N ALA A 232 25.85 -4.19 12.48
CA ALA A 232 26.70 -3.96 11.30
C ALA A 232 28.09 -4.61 11.33
N TRP A 233 28.62 -4.86 12.53
CA TRP A 233 29.94 -5.44 12.68
C TRP A 233 30.14 -6.69 11.85
N SER A 234 29.13 -7.54 11.83
CA SER A 234 29.20 -8.78 11.08
C SER A 234 29.61 -8.59 9.61
N ASN A 235 28.97 -7.66 8.90
CA ASN A 235 29.32 -7.44 7.49
C ASN A 235 30.69 -6.80 7.30
N ILE A 236 31.14 -6.04 8.29
CA ILE A 236 32.44 -5.42 8.18
C ILE A 236 33.49 -6.54 8.28
N ASP A 237 33.25 -7.49 9.19
CA ASP A 237 34.16 -8.62 9.39
C ASP A 237 34.41 -9.38 8.08
N THR A 238 33.33 -9.69 7.36
CA THR A 238 33.48 -10.42 6.12
C THR A 238 34.25 -9.59 5.10
N SER A 239 34.05 -8.28 5.11
CA SER A 239 34.71 -7.38 4.15
C SER A 239 36.21 -7.23 4.36
N LYS A 240 36.73 -7.79 5.44
CA LYS A 240 38.15 -7.67 5.73
C LYS A 240 38.62 -6.22 5.55
N VAL A 241 38.02 -5.34 6.32
CA VAL A 241 38.39 -3.94 6.34
C VAL A 241 38.89 -3.89 7.78
N ASN A 242 40.00 -3.23 8.00
CA ASN A 242 40.55 -3.16 9.34
C ASN A 242 39.85 -2.04 10.11
N TYR A 243 38.83 -2.40 10.88
CA TYR A 243 38.06 -1.40 11.59
C TYR A 243 38.17 -1.36 13.10
N GLY A 244 37.70 -0.25 13.66
CA GLY A 244 37.67 -0.04 15.09
C GLY A 244 36.30 0.52 15.46
N VAL A 245 35.87 0.27 16.69
CA VAL A 245 34.58 0.77 17.16
C VAL A 245 34.88 1.61 18.38
N THR A 246 34.47 2.88 18.36
CA THR A 246 34.79 3.77 19.47
C THR A 246 33.70 4.82 19.76
N VAL A 247 34.00 5.69 20.72
CA VAL A 247 33.10 6.77 21.14
C VAL A 247 32.75 7.69 19.98
N LEU A 248 31.50 8.16 19.97
CA LEU A 248 31.07 9.07 18.93
C LEU A 248 31.83 10.36 19.20
N PRO A 249 32.09 11.14 18.14
CA PRO A 249 32.82 12.39 18.35
C PRO A 249 31.97 13.44 19.07
N THR A 250 32.61 14.30 19.84
CA THR A 250 31.88 15.33 20.56
C THR A 250 31.47 16.46 19.62
N PHE A 251 30.64 17.35 20.13
CA PHE A 251 30.20 18.52 19.37
C PHE A 251 30.05 19.62 20.41
N LYS A 252 30.74 20.73 20.20
CA LYS A 252 30.71 21.83 21.14
C LYS A 252 31.17 21.33 22.49
N GLY A 253 32.23 20.54 22.47
CA GLY A 253 32.82 19.98 23.68
C GLY A 253 31.91 19.07 24.48
N GLN A 254 30.84 18.61 23.84
CA GLN A 254 29.90 17.72 24.53
C GLN A 254 29.72 16.44 23.73
N PRO A 255 29.44 15.34 24.46
CA PRO A 255 29.22 13.99 23.91
C PRO A 255 28.02 13.90 23.00
N SER A 256 28.15 13.11 21.94
CA SER A 256 27.00 12.90 21.07
C SER A 256 26.09 12.04 21.95
N LYS A 257 24.78 12.29 21.91
CA LYS A 257 23.85 11.54 22.76
C LYS A 257 22.98 10.63 21.93
N PRO A 258 23.41 9.39 21.69
CA PRO A 258 22.57 8.51 20.89
C PRO A 258 21.38 8.02 21.70
N PHE A 259 20.29 7.69 21.02
CA PHE A 259 19.12 7.18 21.71
C PHE A 259 19.36 5.70 21.95
N VAL A 260 19.26 5.29 23.21
CA VAL A 260 19.48 3.90 23.54
C VAL A 260 18.21 3.07 23.31
N GLY A 261 18.36 1.99 22.55
CA GLY A 261 17.24 1.11 22.27
C GLY A 261 17.46 -0.28 22.83
N VAL A 262 16.38 -0.91 23.26
CA VAL A 262 16.46 -2.27 23.77
C VAL A 262 15.60 -3.12 22.85
N LEU A 263 16.28 -4.00 22.09
CA LEU A 263 15.60 -4.90 21.18
C LEU A 263 14.70 -5.76 22.05
N SER A 264 13.40 -5.76 21.75
CA SER A 264 12.45 -6.51 22.55
C SER A 264 11.57 -7.42 21.71
N ALA A 265 10.95 -8.39 22.38
CA ALA A 265 10.09 -9.35 21.73
C ALA A 265 8.74 -9.33 22.42
N GLY A 266 7.72 -8.90 21.67
CA GLY A 266 6.38 -8.85 22.21
C GLY A 266 5.57 -10.00 21.66
N ILE A 267 4.60 -10.44 22.45
CA ILE A 267 3.73 -11.54 22.07
C ILE A 267 2.39 -10.96 21.66
N ASN A 268 1.97 -11.32 20.44
CA ASN A 268 0.72 -10.85 19.89
C ASN A 268 -0.46 -11.26 20.79
N ALA A 269 -1.22 -10.26 21.25
CA ALA A 269 -2.37 -10.52 22.11
C ALA A 269 -3.35 -11.50 21.47
N ALA A 270 -3.43 -11.48 20.15
CA ALA A 270 -4.36 -12.36 19.44
C ALA A 270 -3.75 -13.71 19.14
N SER A 271 -2.50 -13.89 19.53
CA SER A 271 -1.84 -15.15 19.27
C SER A 271 -2.45 -16.31 20.06
N PRO A 272 -2.70 -17.44 19.37
CA PRO A 272 -3.28 -18.64 19.97
C PRO A 272 -2.18 -19.51 20.56
N ASN A 273 -0.94 -19.01 20.51
CA ASN A 273 0.19 -19.76 21.02
C ASN A 273 0.99 -19.02 22.08
N LYS A 274 0.34 -18.18 22.89
CA LYS A 274 1.03 -17.41 23.91
C LYS A 274 1.95 -18.23 24.79
N GLU A 275 1.51 -19.43 25.17
CA GLU A 275 2.34 -20.28 26.02
C GLU A 275 3.58 -20.79 25.30
N LEU A 276 3.42 -21.19 24.05
CA LEU A 276 4.54 -21.68 23.27
C LEU A 276 5.51 -20.54 23.01
N ALA A 277 4.97 -19.34 22.84
CA ALA A 277 5.80 -18.17 22.58
C ALA A 277 6.65 -17.86 23.80
N LYS A 278 6.06 -17.93 24.98
CA LYS A 278 6.79 -17.63 26.20
C LYS A 278 7.86 -18.69 26.44
N GLU A 279 7.51 -19.94 26.13
CA GLU A 279 8.44 -21.04 26.30
C GLU A 279 9.64 -20.82 25.39
N PHE A 280 9.38 -20.36 24.16
CA PHE A 280 10.45 -20.12 23.20
C PHE A 280 11.37 -18.98 23.63
N LEU A 281 10.77 -17.87 24.05
CA LEU A 281 11.55 -16.71 24.47
C LEU A 281 12.32 -16.90 25.78
N GLU A 282 11.66 -17.50 26.77
CA GLU A 282 12.31 -17.70 28.06
C GLU A 282 13.32 -18.83 28.15
N ASN A 283 13.01 -19.98 27.56
CA ASN A 283 13.94 -21.09 27.66
C ASN A 283 14.72 -21.46 26.42
N TYR A 284 14.54 -20.71 25.33
CA TYR A 284 15.29 -20.99 24.12
C TYR A 284 16.10 -19.81 23.61
N LEU A 285 15.46 -18.65 23.50
CA LEU A 285 16.15 -17.46 23.02
C LEU A 285 17.00 -16.79 24.09
N LEU A 286 16.39 -16.53 25.24
CA LEU A 286 17.10 -15.87 26.33
C LEU A 286 17.92 -16.80 27.21
N THR A 287 18.79 -17.57 26.56
CA THR A 287 19.70 -18.51 27.21
C THR A 287 21.08 -18.18 26.62
N ASP A 288 22.15 -18.68 27.21
CA ASP A 288 23.46 -18.39 26.65
C ASP A 288 23.56 -18.95 25.23
N GLU A 289 22.97 -20.12 25.00
CA GLU A 289 23.04 -20.77 23.70
C GLU A 289 22.17 -20.07 22.64
N GLY A 290 21.04 -19.54 23.07
CA GLY A 290 20.14 -18.87 22.14
C GLY A 290 20.76 -17.59 21.63
N LEU A 291 21.13 -16.73 22.57
CA LEU A 291 21.73 -15.46 22.25
C LEU A 291 22.99 -15.62 21.40
N GLU A 292 23.78 -16.66 21.68
CA GLU A 292 24.99 -16.87 20.91
C GLU A 292 24.65 -17.14 19.46
N ALA A 293 23.60 -17.93 19.24
CA ALA A 293 23.19 -18.28 17.89
C ALA A 293 22.91 -17.00 17.10
N VAL A 294 22.12 -16.11 17.72
CA VAL A 294 21.75 -14.85 17.10
C VAL A 294 22.95 -13.93 16.97
N ASN A 295 23.68 -13.78 18.07
CA ASN A 295 24.86 -12.93 18.11
C ASN A 295 25.91 -13.32 17.06
N LYS A 296 26.09 -14.60 16.83
CA LYS A 296 27.07 -15.06 15.83
C LYS A 296 26.68 -14.60 14.44
N ASP A 297 25.39 -14.39 14.22
CA ASP A 297 24.89 -13.93 12.93
C ASP A 297 25.07 -12.40 12.79
N LYS A 298 24.43 -11.65 13.69
CA LYS A 298 24.55 -10.19 13.73
C LYS A 298 24.64 -9.83 15.20
N PRO A 299 25.72 -9.17 15.62
CA PRO A 299 25.84 -8.82 17.04
C PRO A 299 24.64 -8.10 17.63
N LEU A 300 24.23 -8.53 18.83
CA LEU A 300 23.11 -7.94 19.51
C LEU A 300 23.52 -6.73 20.30
N GLY A 301 24.80 -6.65 20.61
CA GLY A 301 25.29 -5.54 21.41
C GLY A 301 25.45 -6.03 22.84
N ALA A 302 24.82 -5.36 23.79
CA ALA A 302 24.92 -5.75 25.20
C ALA A 302 23.64 -6.50 25.61
N VAL A 303 23.66 -7.82 25.55
CA VAL A 303 22.47 -8.61 25.87
C VAL A 303 21.91 -8.41 27.27
N ALA A 304 20.61 -8.65 27.39
CA ALA A 304 19.88 -8.48 28.65
C ALA A 304 20.12 -9.60 29.66
N LEU A 305 20.53 -10.75 29.17
CA LEU A 305 20.80 -11.91 30.01
C LEU A 305 22.14 -11.72 30.73
N LYS A 306 22.09 -11.48 32.03
CA LYS A 306 23.30 -11.26 32.83
C LYS A 306 24.44 -12.23 32.55
N SER A 307 24.14 -13.52 32.57
CA SER A 307 25.19 -14.50 32.32
C SER A 307 25.94 -14.28 31.02
N TYR A 308 25.23 -14.14 29.91
CA TYR A 308 25.91 -13.98 28.62
C TYR A 308 26.53 -12.60 28.40
N GLU A 309 25.97 -11.55 28.97
CA GLU A 309 26.54 -10.23 28.76
C GLU A 309 27.90 -10.21 29.42
N GLU A 310 28.01 -10.94 30.53
CA GLU A 310 29.27 -11.02 31.26
C GLU A 310 30.28 -11.77 30.43
N GLU A 311 29.85 -12.82 29.74
CA GLU A 311 30.77 -13.58 28.92
C GLU A 311 31.32 -12.75 27.76
N LEU A 312 30.57 -11.73 27.36
CA LEU A 312 30.95 -10.88 26.24
C LEU A 312 31.44 -9.48 26.61
N ALA A 313 31.28 -9.10 27.86
CA ALA A 313 31.66 -7.76 28.33
C ALA A 313 33.06 -7.28 27.95
N LYS A 314 33.99 -8.22 27.77
CA LYS A 314 35.37 -7.88 27.44
C LYS A 314 35.59 -7.45 25.99
N ASP A 315 34.62 -7.70 25.12
CA ASP A 315 34.74 -7.31 23.74
C ASP A 315 34.81 -5.78 23.65
N PRO A 316 35.96 -5.24 23.24
CA PRO A 316 36.07 -3.78 23.15
C PRO A 316 34.97 -3.08 22.34
N ARG A 317 34.38 -3.77 21.36
CA ARG A 317 33.30 -3.18 20.55
C ARG A 317 32.04 -3.02 21.39
N ILE A 318 31.84 -3.94 22.33
CA ILE A 318 30.69 -3.85 23.21
C ILE A 318 30.97 -2.74 24.20
N ALA A 319 32.22 -2.64 24.64
CA ALA A 319 32.62 -1.62 25.61
C ALA A 319 32.34 -0.24 25.01
N ALA A 320 32.69 -0.07 23.74
CA ALA A 320 32.45 1.19 23.06
C ALA A 320 30.95 1.39 22.97
N THR A 321 30.22 0.30 22.70
CA THR A 321 28.77 0.37 22.59
C THR A 321 28.19 0.88 23.88
N MET A 322 28.57 0.25 25.00
CA MET A 322 28.05 0.65 26.29
C MET A 322 28.52 2.04 26.66
N GLU A 323 29.71 2.43 26.21
CA GLU A 323 30.20 3.77 26.51
C GLU A 323 29.28 4.81 25.84
N ASN A 324 28.97 4.61 24.56
CA ASN A 324 28.09 5.53 23.84
C ASN A 324 26.69 5.48 24.44
N ALA A 325 26.27 4.29 24.85
CA ALA A 325 24.95 4.13 25.43
C ALA A 325 24.87 4.91 26.75
N GLN A 326 25.92 4.80 27.56
CA GLN A 326 25.97 5.50 28.83
C GLN A 326 25.90 7.02 28.63
N LYS A 327 26.40 7.49 27.48
CA LYS A 327 26.39 8.93 27.19
C LYS A 327 25.08 9.42 26.57
N GLY A 328 24.28 8.51 26.06
CA GLY A 328 23.00 8.87 25.46
C GLY A 328 21.85 8.69 26.43
N GLU A 329 20.63 8.73 25.91
CA GLU A 329 19.42 8.56 26.71
C GLU A 329 18.64 7.36 26.22
N ILE A 330 17.94 6.70 27.14
CA ILE A 330 17.15 5.56 26.73
C ILE A 330 15.90 6.16 26.12
N MET A 331 15.47 5.63 24.98
CA MET A 331 14.28 6.15 24.33
C MET A 331 13.04 5.91 25.19
N PRO A 332 12.05 6.81 25.11
CA PRO A 332 10.83 6.64 25.89
C PRO A 332 10.05 5.59 25.11
N ASN A 333 9.09 4.92 25.74
CA ASN A 333 8.31 3.93 25.00
C ASN A 333 6.85 4.32 24.89
N ILE A 334 6.54 5.56 25.27
CA ILE A 334 5.16 6.04 25.20
C ILE A 334 4.67 6.18 23.76
N PRO A 335 3.34 6.09 23.55
CA PRO A 335 2.73 6.18 22.22
C PRO A 335 3.17 7.34 21.31
N GLN A 336 3.50 8.47 21.92
CA GLN A 336 3.92 9.65 21.17
C GLN A 336 5.28 9.54 20.45
N MET A 337 6.09 8.57 20.85
CA MET A 337 7.40 8.41 20.22
C MET A 337 7.31 8.27 18.71
N SER A 338 6.29 7.57 18.21
CA SER A 338 6.15 7.44 16.77
C SER A 338 6.01 8.81 16.14
N ALA A 339 5.16 9.64 16.72
CA ALA A 339 4.95 10.98 16.19
C ALA A 339 6.27 11.74 16.20
N PHE A 340 7.02 11.60 17.29
CA PHE A 340 8.32 12.25 17.42
C PHE A 340 9.24 11.85 16.28
N TRP A 341 9.42 10.55 16.10
CA TRP A 341 10.30 10.04 15.06
C TRP A 341 9.89 10.53 13.68
N TYR A 342 8.61 10.38 13.34
CA TYR A 342 8.11 10.83 12.06
C TYR A 342 8.41 12.32 11.87
N ALA A 343 8.20 13.10 12.92
CA ALA A 343 8.43 14.53 12.88
C ALA A 343 9.90 14.88 12.64
N VAL A 344 10.79 14.28 13.43
CA VAL A 344 12.21 14.53 13.29
C VAL A 344 12.72 14.04 11.93
N ARG A 345 12.16 12.94 11.43
CA ARG A 345 12.60 12.44 10.14
C ARG A 345 12.40 13.51 9.07
N THR A 346 11.20 14.05 9.00
CA THR A 346 10.85 15.07 8.02
C THR A 346 11.73 16.30 8.14
N ALA A 347 11.97 16.73 9.38
CA ALA A 347 12.79 17.89 9.64
C ALA A 347 14.22 17.72 9.09
N VAL A 348 14.85 16.61 9.40
CA VAL A 348 16.21 16.38 8.93
C VAL A 348 16.27 16.23 7.42
N ILE A 349 15.35 15.46 6.85
CA ILE A 349 15.36 15.29 5.41
C ILE A 349 15.15 16.62 4.68
N ASN A 350 14.27 17.47 5.21
CA ASN A 350 14.00 18.76 4.59
C ASN A 350 15.16 19.75 4.70
N ALA A 351 15.77 19.80 5.88
CA ALA A 351 16.90 20.70 6.10
C ALA A 351 18.11 20.24 5.27
N ALA A 352 18.30 18.93 5.16
CA ALA A 352 19.42 18.39 4.40
C ALA A 352 19.28 18.69 2.91
N SER A 353 18.07 18.55 2.39
CA SER A 353 17.83 18.80 0.95
C SER A 353 17.61 20.27 0.66
N GLY A 354 17.46 21.07 1.71
CA GLY A 354 17.24 22.49 1.52
C GLY A 354 15.77 22.87 1.40
N ARG A 355 14.89 21.86 1.33
CA ARG A 355 13.46 22.09 1.22
C ARG A 355 12.97 23.09 2.27
N GLN A 356 13.73 23.24 3.35
CA GLN A 356 13.40 24.16 4.43
C GLN A 356 14.69 24.55 5.11
N THR A 357 14.59 25.50 6.04
CA THR A 357 15.77 25.93 6.79
C THR A 357 15.77 25.18 8.11
N VAL A 358 16.93 25.09 8.74
CA VAL A 358 17.02 24.41 10.02
C VAL A 358 15.87 24.85 10.91
N ASP A 359 15.81 26.15 11.23
CA ASP A 359 14.75 26.70 12.07
C ASP A 359 13.35 26.27 11.66
N GLU A 360 13.03 26.50 10.38
CA GLU A 360 11.72 26.14 9.86
C GLU A 360 11.42 24.66 10.09
N ALA A 361 12.37 23.80 9.73
CA ALA A 361 12.21 22.36 9.87
C ALA A 361 11.99 21.92 11.30
N LEU A 362 12.82 22.41 12.20
CA LEU A 362 12.69 22.05 13.61
C LEU A 362 11.45 22.67 14.23
N LYS A 363 11.03 23.81 13.71
CA LYS A 363 9.84 24.48 14.21
C LYS A 363 8.63 23.57 14.00
N ASP A 364 8.51 23.01 12.80
CA ASP A 364 7.41 22.13 12.46
C ASP A 364 7.47 20.79 13.17
N ALA A 365 8.68 20.25 13.32
CA ALA A 365 8.84 18.97 14.01
C ALA A 365 8.43 19.15 15.47
N GLN A 366 8.75 20.30 16.03
CA GLN A 366 8.40 20.61 17.42
C GLN A 366 6.89 20.52 17.59
N THR A 367 6.18 21.13 16.65
CA THR A 367 4.72 21.15 16.66
C THR A 367 4.15 19.76 16.40
N ASN A 368 4.64 19.12 15.34
CA ASN A 368 4.19 17.79 14.95
C ASN A 368 4.44 16.70 15.99
N SER A 369 5.50 16.85 16.78
CA SER A 369 5.83 15.86 17.79
C SER A 369 4.74 15.80 18.85
N SER A 370 4.47 16.95 19.46
CA SER A 370 3.46 17.08 20.51
C SER A 370 2.04 17.13 19.95
N SER A 371 1.91 16.78 18.67
CA SER A 371 0.61 16.77 18.00
C SER A 371 -0.03 15.38 18.01
N ALA B 1 -10.03 0.48 18.40
CA ALA B 1 -8.89 -0.25 18.93
C ALA B 1 -9.30 -1.37 19.90
N PRO B 2 -8.75 -2.58 19.70
CA PRO B 2 -9.05 -3.76 20.55
C PRO B 2 -8.49 -3.55 21.96
N VAL B 3 -8.81 -2.40 22.54
CA VAL B 3 -8.34 -2.03 23.87
C VAL B 3 -9.35 -2.29 24.99
N LYS B 4 -10.07 -3.40 24.92
CA LYS B 4 -11.06 -3.69 25.95
C LYS B 4 -10.97 -5.10 26.53
N SER B 5 -11.21 -5.17 27.84
CA SER B 5 -11.17 -6.42 28.58
C SER B 5 -12.16 -7.44 28.06
N GLN B 6 -11.80 -8.71 28.18
CA GLN B 6 -12.68 -9.78 27.74
C GLN B 6 -13.91 -9.73 28.65
N GLU B 7 -13.69 -9.31 29.89
CA GLU B 7 -14.76 -9.19 30.87
C GLU B 7 -15.72 -8.10 30.42
N SER B 8 -15.18 -7.04 29.81
CA SER B 8 -15.98 -5.92 29.35
C SER B 8 -16.77 -6.27 28.09
N ILE B 9 -16.13 -6.94 27.15
CA ILE B 9 -16.77 -7.34 25.91
C ILE B 9 -17.94 -8.26 26.23
N ASN B 10 -17.68 -9.24 27.10
CA ASN B 10 -18.68 -10.21 27.51
C ASN B 10 -19.88 -9.52 28.16
N GLN B 11 -19.61 -8.45 28.91
CA GLN B 11 -20.68 -7.72 29.56
C GLN B 11 -21.50 -6.93 28.55
N LYS B 12 -20.82 -6.34 27.58
CA LYS B 12 -21.52 -5.58 26.56
C LYS B 12 -22.33 -6.52 25.68
N LEU B 13 -21.76 -7.70 25.40
CA LEU B 13 -22.46 -8.69 24.59
C LEU B 13 -23.68 -9.25 25.31
N ALA B 14 -23.53 -9.55 26.60
CA ALA B 14 -24.62 -10.07 27.40
C ALA B 14 -25.77 -9.08 27.41
N LEU B 15 -25.45 -7.80 27.40
CA LEU B 15 -26.49 -6.76 27.41
C LEU B 15 -27.27 -6.75 26.09
N VAL B 16 -26.55 -6.93 24.98
CA VAL B 16 -27.19 -6.94 23.67
C VAL B 16 -28.08 -8.17 23.59
N ILE B 17 -27.56 -9.31 24.02
CA ILE B 17 -28.34 -10.54 23.99
C ILE B 17 -29.58 -10.38 24.85
N LYS B 18 -29.42 -9.70 25.97
CA LYS B 18 -30.51 -9.48 26.91
C LYS B 18 -31.57 -8.50 26.44
N SER B 19 -31.13 -7.37 25.90
CA SER B 19 -32.08 -6.33 25.47
C SER B 19 -32.02 -5.85 24.03
N GLY B 20 -31.18 -6.42 23.19
CA GLY B 20 -31.10 -5.94 21.82
C GLY B 20 -31.41 -6.98 20.77
N LYS B 21 -31.03 -6.69 19.53
CA LYS B 21 -31.24 -7.60 18.42
C LYS B 21 -29.87 -7.95 17.83
N TYR B 22 -29.70 -9.22 17.47
CA TYR B 22 -28.41 -9.67 16.96
C TYR B 22 -28.55 -11.02 16.29
N THR B 23 -27.52 -11.40 15.54
CA THR B 23 -27.51 -12.70 14.88
C THR B 23 -26.21 -13.39 15.29
N LEU B 24 -26.17 -14.71 15.12
CA LEU B 24 -25.01 -15.52 15.47
C LEU B 24 -24.60 -16.40 14.30
N GLY B 25 -23.28 -16.52 14.07
CA GLY B 25 -22.80 -17.37 13.01
C GLY B 25 -22.71 -16.76 11.62
N TYR B 26 -21.96 -17.44 10.76
CA TYR B 26 -21.72 -17.01 9.39
C TYR B 26 -22.99 -16.67 8.60
N LYS B 27 -23.82 -17.67 8.39
CA LYS B 27 -25.06 -17.54 7.63
C LYS B 27 -25.95 -16.35 7.96
N SER B 28 -26.34 -16.21 9.22
CA SER B 28 -27.24 -15.10 9.58
C SER B 28 -26.51 -13.76 9.54
N THR B 29 -25.21 -13.77 9.77
CA THR B 29 -24.45 -12.55 9.75
C THR B 29 -24.31 -11.96 8.34
N VAL B 30 -23.89 -12.76 7.36
CA VAL B 30 -23.74 -12.18 6.03
C VAL B 30 -25.11 -11.74 5.55
N LYS B 31 -26.15 -12.46 5.96
CA LYS B 31 -27.48 -12.06 5.56
C LYS B 31 -27.74 -10.67 6.14
N SER B 32 -27.37 -10.46 7.40
CA SER B 32 -27.59 -9.16 8.04
C SER B 32 -26.71 -8.09 7.38
N LEU B 33 -25.60 -8.52 6.79
CA LEU B 33 -24.69 -7.60 6.13
C LEU B 33 -25.23 -7.23 4.75
N ARG B 34 -25.56 -8.25 3.96
CA ARG B 34 -26.11 -8.05 2.63
C ARG B 34 -27.37 -7.18 2.69
N GLN B 35 -28.12 -7.30 3.79
CA GLN B 35 -29.35 -6.53 3.97
C GLN B 35 -29.11 -5.16 4.58
N GLY B 36 -27.85 -4.85 4.90
CA GLY B 36 -27.54 -3.57 5.48
C GLY B 36 -28.15 -3.31 6.86
N LYS B 37 -28.49 -4.39 7.58
CA LYS B 37 -29.08 -4.26 8.91
C LYS B 37 -28.07 -4.28 10.05
N SER B 38 -26.89 -4.82 9.79
CA SER B 38 -25.86 -4.89 10.81
C SER B 38 -25.29 -3.51 11.12
N LYS B 39 -25.12 -3.22 12.41
CA LYS B 39 -24.55 -1.94 12.85
C LYS B 39 -23.09 -2.20 13.20
N LEU B 40 -22.77 -3.47 13.38
CA LEU B 40 -21.42 -3.88 13.75
C LEU B 40 -21.36 -5.40 13.76
N ILE B 41 -20.18 -5.95 13.54
CA ILE B 41 -20.00 -7.39 13.63
C ILE B 41 -18.75 -7.60 14.46
N ILE B 42 -18.78 -8.62 15.32
CA ILE B 42 -17.65 -8.92 16.16
C ILE B 42 -17.15 -10.28 15.75
N ILE B 43 -15.85 -10.38 15.51
CA ILE B 43 -15.25 -11.64 15.09
C ILE B 43 -14.25 -12.17 16.10
N ALA B 44 -14.46 -13.41 16.49
CA ALA B 44 -13.57 -14.08 17.44
C ALA B 44 -12.46 -14.64 16.56
N ALA B 45 -11.41 -13.85 16.37
CA ALA B 45 -10.28 -14.23 15.53
C ALA B 45 -9.73 -15.65 15.71
N ASN B 46 -9.76 -16.17 16.92
CA ASN B 46 -9.23 -17.51 17.18
C ASN B 46 -10.20 -18.66 17.21
N THR B 47 -11.40 -18.47 16.70
CA THR B 47 -12.37 -19.54 16.68
C THR B 47 -11.93 -20.56 15.64
N PRO B 48 -11.94 -21.86 16.00
CA PRO B 48 -11.55 -23.01 15.17
C PRO B 48 -11.69 -22.80 13.66
N VAL B 49 -12.82 -23.18 13.08
CA VAL B 49 -13.01 -22.98 11.66
C VAL B 49 -13.84 -21.72 11.45
N LEU B 50 -13.21 -20.69 10.89
CA LEU B 50 -13.88 -19.41 10.68
C LEU B 50 -13.66 -18.85 9.28
N ARG B 51 -14.73 -18.45 8.63
CA ARG B 51 -14.63 -17.87 7.30
C ARG B 51 -14.36 -16.40 7.47
N LYS B 52 -13.24 -16.13 8.11
CA LYS B 52 -12.79 -14.78 8.41
C LYS B 52 -12.71 -13.85 7.21
N SER B 53 -11.96 -14.25 6.17
CA SER B 53 -11.82 -13.41 4.99
C SER B 53 -13.15 -13.04 4.36
N GLU B 54 -14.00 -14.04 4.17
CA GLU B 54 -15.31 -13.80 3.58
C GLU B 54 -16.14 -12.83 4.42
N LEU B 55 -16.11 -13.00 5.74
CA LEU B 55 -16.86 -12.13 6.63
C LEU B 55 -16.35 -10.71 6.49
N GLU B 56 -15.03 -10.57 6.46
CA GLU B 56 -14.40 -9.28 6.31
C GLU B 56 -14.73 -8.68 4.95
N TYR B 57 -14.84 -9.53 3.93
CA TYR B 57 -15.19 -9.06 2.61
C TYR B 57 -16.59 -8.48 2.61
N TYR B 58 -17.51 -9.16 3.28
CA TYR B 58 -18.89 -8.70 3.35
C TYR B 58 -19.04 -7.42 4.19
N ALA B 59 -18.25 -7.29 5.25
CA ALA B 59 -18.31 -6.10 6.08
C ALA B 59 -17.81 -4.91 5.26
N MET B 60 -16.83 -5.16 4.40
CA MET B 60 -16.30 -4.10 3.55
C MET B 60 -17.34 -3.64 2.53
N LEU B 61 -17.91 -4.60 1.79
CA LEU B 61 -18.90 -4.25 0.78
C LEU B 61 -20.15 -3.61 1.36
N SER B 62 -20.45 -3.92 2.61
CA SER B 62 -21.64 -3.37 3.27
C SER B 62 -21.28 -2.17 4.13
N LYS B 63 -20.00 -1.80 4.14
CA LYS B 63 -19.53 -0.67 4.92
C LYS B 63 -19.90 -0.81 6.40
N THR B 64 -19.68 -2.01 6.94
CA THR B 64 -19.98 -2.29 8.33
C THR B 64 -18.71 -2.49 9.15
N LYS B 65 -18.63 -1.81 10.28
CA LYS B 65 -17.47 -1.91 11.14
C LYS B 65 -17.38 -3.29 11.78
N VAL B 66 -16.15 -3.73 11.97
CA VAL B 66 -15.92 -5.01 12.59
C VAL B 66 -14.96 -4.83 13.76
N TYR B 67 -15.24 -5.52 14.85
CA TYR B 67 -14.40 -5.48 16.04
C TYR B 67 -13.88 -6.89 16.24
N TYR B 68 -12.60 -6.99 16.58
CA TYR B 68 -12.01 -8.30 16.78
C TYR B 68 -11.74 -8.63 18.25
N PHE B 69 -12.28 -9.76 18.69
CA PHE B 69 -12.08 -10.26 20.04
C PHE B 69 -10.88 -11.19 19.91
N GLN B 70 -9.83 -10.93 20.70
CA GLN B 70 -8.62 -11.73 20.60
C GLN B 70 -8.42 -12.92 21.54
N GLY B 71 -9.25 -13.03 22.58
CA GLY B 71 -9.11 -14.12 23.53
C GLY B 71 -9.28 -15.54 23.00
N GLY B 72 -8.89 -16.51 23.81
CA GLY B 72 -9.02 -17.92 23.44
C GLY B 72 -10.22 -18.52 24.17
N ASN B 73 -10.54 -19.78 23.90
CA ASN B 73 -11.70 -20.42 24.53
C ASN B 73 -11.56 -20.52 26.05
N ASN B 74 -10.33 -20.43 26.54
CA ASN B 74 -10.08 -20.50 27.98
C ASN B 74 -10.63 -19.29 28.72
N GLU B 75 -11.16 -19.53 29.93
CA GLU B 75 -11.72 -18.50 30.80
C GLU B 75 -12.65 -17.49 30.12
N LEU B 76 -13.74 -17.97 29.51
CA LEU B 76 -14.66 -17.07 28.83
C LEU B 76 -15.99 -16.94 29.56
N GLY B 77 -16.59 -15.75 29.48
CA GLY B 77 -17.87 -15.52 30.10
C GLY B 77 -18.96 -16.14 29.23
N THR B 78 -20.21 -16.03 29.64
CA THR B 78 -21.30 -16.62 28.86
C THR B 78 -21.40 -16.07 27.43
N ALA B 79 -21.60 -14.76 27.30
CA ALA B 79 -21.73 -14.12 26.00
C ALA B 79 -20.53 -14.36 25.10
N VAL B 80 -19.34 -14.07 25.61
CA VAL B 80 -18.11 -14.25 24.85
C VAL B 80 -17.88 -15.72 24.51
N GLY B 81 -18.46 -16.60 25.31
CA GLY B 81 -18.32 -18.03 25.06
C GLY B 81 -19.12 -18.39 23.83
N LYS B 82 -20.29 -17.80 23.68
CA LYS B 82 -21.13 -18.05 22.51
C LYS B 82 -20.37 -17.49 21.30
N LEU B 83 -19.87 -16.28 21.47
CA LEU B 83 -19.13 -15.58 20.43
C LEU B 83 -18.03 -16.50 19.90
N PHE B 84 -17.15 -16.92 20.80
CA PHE B 84 -16.05 -17.77 20.42
C PHE B 84 -16.52 -19.04 19.76
N ARG B 85 -17.68 -19.54 20.19
CA ARG B 85 -18.23 -20.77 19.67
C ARG B 85 -18.75 -20.63 18.25
N VAL B 86 -19.42 -19.51 17.95
CA VAL B 86 -20.00 -19.30 16.61
C VAL B 86 -19.12 -18.46 15.69
N GLY B 87 -18.01 -17.94 16.22
CA GLY B 87 -17.12 -17.14 15.42
C GLY B 87 -17.54 -15.70 15.15
N VAL B 88 -18.81 -15.48 14.84
CA VAL B 88 -19.29 -14.12 14.56
C VAL B 88 -20.59 -13.75 15.22
N VAL B 89 -20.69 -12.48 15.61
CA VAL B 89 -21.91 -11.95 16.18
C VAL B 89 -22.19 -10.63 15.45
N SER B 90 -23.41 -10.47 14.97
CA SER B 90 -23.79 -9.25 14.27
C SER B 90 -24.80 -8.47 15.12
N ILE B 91 -24.49 -7.23 15.43
CA ILE B 91 -25.41 -6.41 16.23
C ILE B 91 -26.35 -5.67 15.29
N LEU B 92 -27.65 -5.91 15.45
CA LEU B 92 -28.65 -5.25 14.62
C LEU B 92 -29.24 -4.07 15.39
N GLU B 93 -29.34 -4.23 16.71
CA GLU B 93 -29.87 -3.21 17.60
C GLU B 93 -29.11 -3.34 18.91
N ALA B 94 -28.57 -2.23 19.41
CA ALA B 94 -27.80 -2.26 20.64
C ALA B 94 -28.65 -2.44 21.89
N GLY B 95 -29.88 -1.94 21.85
CA GLY B 95 -30.74 -2.04 23.01
C GLY B 95 -30.24 -1.10 24.08
N ASP B 96 -30.06 -1.61 25.29
CA ASP B 96 -29.58 -0.80 26.40
C ASP B 96 -28.06 -0.78 26.46
N SER B 97 -27.44 -1.51 25.54
CA SER B 97 -25.97 -1.59 25.50
C SER B 97 -25.34 -0.38 24.83
N ASP B 98 -24.10 -0.09 25.21
CA ASP B 98 -23.36 1.03 24.63
C ASP B 98 -22.31 0.45 23.70
N ILE B 99 -22.48 -0.81 23.34
CA ILE B 99 -21.54 -1.51 22.47
C ILE B 99 -21.26 -0.78 21.18
N LEU B 100 -22.27 -0.11 20.63
CA LEU B 100 -22.11 0.60 19.37
C LEU B 100 -21.26 1.87 19.46
N THR B 101 -21.29 2.53 20.61
CA THR B 101 -20.53 3.76 20.78
C THR B 101 -19.21 3.52 21.48
N THR B 102 -18.92 2.26 21.81
CA THR B 102 -17.68 1.95 22.50
C THR B 102 -16.83 0.93 21.75
N LEU B 103 -17.39 0.34 20.71
CA LEU B 103 -16.68 -0.65 19.91
C LEU B 103 -16.72 -0.29 18.43
N ALA B 104 -17.58 0.65 18.07
CA ALA B 104 -17.71 1.07 16.68
C ALA B 104 -17.69 2.60 16.56
N GLU C 4 -25.35 8.64 -32.76
CA GLU C 4 -26.74 8.41 -33.25
C GLU C 4 -27.75 8.34 -32.11
N GLU C 5 -28.88 9.03 -32.29
CA GLU C 5 -29.93 9.08 -31.26
C GLU C 5 -31.11 8.15 -31.54
N GLY C 6 -30.86 6.85 -31.48
CA GLY C 6 -31.93 5.89 -31.73
C GLY C 6 -31.49 4.49 -31.34
N LYS C 7 -30.23 4.37 -30.96
CA LYS C 7 -29.67 3.09 -30.55
C LYS C 7 -28.55 3.26 -29.54
N LEU C 8 -27.99 2.14 -29.08
CA LEU C 8 -26.91 2.18 -28.10
C LEU C 8 -25.67 1.45 -28.54
N VAL C 9 -24.52 2.09 -28.36
CA VAL C 9 -23.24 1.49 -28.68
C VAL C 9 -22.49 1.33 -27.36
N ILE C 10 -22.02 0.11 -27.09
CA ILE C 10 -21.31 -0.18 -25.86
C ILE C 10 -19.89 -0.66 -26.13
N TRP C 11 -18.95 -0.16 -25.33
CA TRP C 11 -17.53 -0.54 -25.40
C TRP C 11 -17.11 -1.30 -24.14
N ILE C 12 -16.62 -2.52 -24.34
CA ILE C 12 -16.19 -3.34 -23.22
C ILE C 12 -14.93 -4.13 -23.60
N ASN C 13 -14.08 -4.37 -22.61
CA ASN C 13 -12.82 -5.08 -22.85
C ASN C 13 -12.98 -6.46 -23.46
N GLY C 14 -11.98 -6.82 -24.27
CA GLY C 14 -12.00 -8.11 -24.96
C GLY C 14 -11.90 -9.35 -24.10
N ASP C 15 -11.65 -9.21 -22.80
CA ASP C 15 -11.55 -10.36 -21.93
C ASP C 15 -12.82 -10.62 -21.11
N LYS C 16 -13.82 -9.77 -21.28
CA LYS C 16 -15.07 -9.91 -20.56
C LYS C 16 -16.11 -10.59 -21.48
N GLY C 17 -17.30 -10.86 -20.94
CA GLY C 17 -18.34 -11.50 -21.71
C GLY C 17 -19.14 -10.57 -22.60
N TYR C 18 -18.53 -10.08 -23.68
CA TYR C 18 -19.25 -9.18 -24.59
C TYR C 18 -20.38 -9.87 -25.34
N ASN C 19 -20.19 -11.14 -25.66
CA ASN C 19 -21.25 -11.88 -26.34
C ASN C 19 -22.42 -12.03 -25.37
N GLY C 20 -22.11 -12.28 -24.10
CA GLY C 20 -23.16 -12.40 -23.10
C GLY C 20 -23.87 -11.07 -22.94
N LEU C 21 -23.10 -9.98 -22.97
CA LEU C 21 -23.68 -8.64 -22.85
C LEU C 21 -24.52 -8.35 -24.09
N ALA C 22 -24.07 -8.87 -25.23
CA ALA C 22 -24.77 -8.69 -26.50
C ALA C 22 -26.16 -9.32 -26.39
N GLU C 23 -26.23 -10.46 -25.70
CA GLU C 23 -27.50 -11.14 -25.52
C GLU C 23 -28.44 -10.19 -24.78
N VAL C 24 -27.95 -9.60 -23.70
CA VAL C 24 -28.77 -8.67 -22.93
C VAL C 24 -29.19 -7.54 -23.83
N GLY C 25 -28.34 -7.22 -24.80
CA GLY C 25 -28.65 -6.14 -25.74
C GLY C 25 -29.77 -6.55 -26.68
N LYS C 26 -29.73 -7.79 -27.16
CA LYS C 26 -30.74 -8.28 -28.09
C LYS C 26 -32.12 -8.30 -27.44
N LYS C 27 -32.17 -8.68 -26.17
CA LYS C 27 -33.43 -8.71 -25.46
C LYS C 27 -33.95 -7.29 -25.31
N PHE C 28 -33.05 -6.35 -25.03
CA PHE C 28 -33.44 -4.95 -24.87
C PHE C 28 -34.09 -4.50 -26.16
N GLU C 29 -33.50 -4.91 -27.28
CA GLU C 29 -34.02 -4.55 -28.59
C GLU C 29 -35.46 -5.03 -28.74
N LYS C 30 -35.70 -6.32 -28.55
CA LYS C 30 -37.06 -6.84 -28.67
C LYS C 30 -38.09 -6.02 -27.91
N ASP C 31 -37.77 -5.67 -26.68
CA ASP C 31 -38.68 -4.90 -25.83
C ASP C 31 -38.75 -3.40 -26.14
N THR C 32 -37.74 -2.87 -26.82
CA THR C 32 -37.73 -1.43 -27.11
C THR C 32 -37.61 -1.08 -28.60
N GLY C 33 -37.11 -2.01 -29.40
CA GLY C 33 -36.94 -1.75 -30.82
C GLY C 33 -35.64 -1.00 -31.04
N ILE C 34 -34.98 -0.64 -29.94
CA ILE C 34 -33.72 0.08 -29.97
C ILE C 34 -32.57 -0.91 -30.11
N LYS C 35 -31.83 -0.80 -31.21
CA LYS C 35 -30.71 -1.70 -31.44
C LYS C 35 -29.54 -1.37 -30.52
N VAL C 36 -28.81 -2.41 -30.12
CA VAL C 36 -27.66 -2.27 -29.25
C VAL C 36 -26.49 -3.00 -29.86
N THR C 37 -25.35 -2.33 -29.91
CA THR C 37 -24.15 -2.92 -30.47
C THR C 37 -23.03 -2.90 -29.45
N VAL C 38 -22.38 -4.04 -29.28
CA VAL C 38 -21.29 -4.16 -28.33
C VAL C 38 -19.97 -4.33 -29.06
N GLU C 39 -19.01 -3.48 -28.75
CA GLU C 39 -17.70 -3.56 -29.38
C GLU C 39 -16.66 -3.76 -28.28
N HIS C 40 -15.54 -4.39 -28.63
CA HIS C 40 -14.44 -4.60 -27.69
C HIS C 40 -13.15 -4.16 -28.37
N PRO C 41 -13.04 -2.85 -28.62
CA PRO C 41 -11.86 -2.25 -29.27
C PRO C 41 -10.62 -2.38 -28.42
N ASP C 42 -9.49 -2.60 -29.06
CA ASP C 42 -8.23 -2.70 -28.34
C ASP C 42 -7.95 -1.33 -27.73
N LYS C 43 -7.41 -1.33 -26.51
CA LYS C 43 -7.07 -0.10 -25.81
C LYS C 43 -8.26 0.86 -25.73
N LEU C 44 -9.46 0.32 -25.51
CA LEU C 44 -10.64 1.17 -25.46
C LEU C 44 -10.55 2.23 -24.38
N GLU C 45 -9.88 1.89 -23.28
CA GLU C 45 -9.72 2.83 -22.16
C GLU C 45 -8.97 4.10 -22.56
N GLU C 46 -8.04 3.97 -23.49
CA GLU C 46 -7.27 5.13 -23.95
C GLU C 46 -7.98 5.86 -25.09
N LYS C 47 -8.69 5.12 -25.93
CA LYS C 47 -9.41 5.71 -27.06
C LYS C 47 -10.63 6.52 -26.63
N PHE C 48 -11.31 6.06 -25.59
CA PHE C 48 -12.52 6.75 -25.12
C PHE C 48 -12.34 8.25 -24.86
N PRO C 49 -11.33 8.62 -24.07
CA PRO C 49 -11.09 10.04 -23.76
C PRO C 49 -10.85 10.85 -25.04
N GLN C 50 -10.21 10.21 -26.02
CA GLN C 50 -9.92 10.85 -27.29
C GLN C 50 -11.16 11.09 -28.13
N VAL C 51 -11.92 10.03 -28.36
CA VAL C 51 -13.13 10.12 -29.18
C VAL C 51 -14.34 10.67 -28.43
N ALA C 52 -14.33 10.58 -27.10
CA ALA C 52 -15.45 11.09 -26.31
C ALA C 52 -15.31 12.60 -26.21
N ALA C 53 -14.07 13.07 -26.26
CA ALA C 53 -13.77 14.50 -26.19
C ALA C 53 -14.23 15.21 -27.44
N THR C 54 -14.78 14.45 -28.39
CA THR C 54 -15.28 15.03 -29.64
C THR C 54 -16.74 14.60 -29.86
N GLY C 55 -17.16 14.67 -31.12
CA GLY C 55 -18.53 14.30 -31.46
C GLY C 55 -18.72 12.83 -31.77
N ASP C 56 -18.32 11.98 -30.83
CA ASP C 56 -18.48 10.55 -31.04
C ASP C 56 -18.15 9.73 -29.81
N GLY C 57 -17.91 8.44 -30.02
CA GLY C 57 -17.59 7.54 -28.93
C GLY C 57 -18.82 6.70 -28.59
N PRO C 58 -18.69 5.69 -27.74
CA PRO C 58 -19.86 4.88 -27.40
C PRO C 58 -20.75 5.60 -26.40
N ASP C 59 -21.96 5.08 -26.21
CA ASP C 59 -22.89 5.67 -25.25
C ASP C 59 -22.53 5.19 -23.85
N ILE C 60 -22.03 3.97 -23.81
CA ILE C 60 -21.65 3.31 -22.57
C ILE C 60 -20.28 2.69 -22.70
N ILE C 61 -19.44 2.89 -21.68
CA ILE C 61 -18.10 2.33 -21.66
C ILE C 61 -17.88 1.50 -20.39
N PHE C 62 -17.38 0.28 -20.55
CA PHE C 62 -17.11 -0.62 -19.44
C PHE C 62 -15.61 -0.74 -19.17
N TRP C 63 -15.24 -0.65 -17.89
CA TRP C 63 -13.85 -0.76 -17.47
C TRP C 63 -13.80 -0.77 -15.95
N ALA C 64 -12.64 -1.03 -15.36
CA ALA C 64 -12.54 -1.00 -13.90
C ALA C 64 -12.67 0.47 -13.50
N HIS C 65 -13.26 0.69 -12.33
CA HIS C 65 -13.51 2.04 -11.84
C HIS C 65 -12.29 2.96 -11.80
N ASP C 66 -11.09 2.41 -11.80
CA ASP C 66 -9.90 3.24 -11.70
C ASP C 66 -9.70 4.25 -12.83
N ARG C 67 -10.29 4.01 -13.99
CA ARG C 67 -10.15 4.91 -15.14
C ARG C 67 -11.15 6.07 -15.13
N PHE C 68 -12.30 5.85 -14.51
CA PHE C 68 -13.38 6.84 -14.48
C PHE C 68 -13.11 8.18 -13.78
N GLY C 69 -12.19 8.22 -12.83
CA GLY C 69 -11.91 9.47 -12.17
C GLY C 69 -11.38 10.46 -13.20
N GLY C 70 -10.47 9.96 -14.04
CA GLY C 70 -9.90 10.79 -15.09
C GLY C 70 -10.98 11.26 -16.05
N TYR C 71 -11.84 10.36 -16.50
CA TYR C 71 -12.91 10.73 -17.41
C TYR C 71 -13.83 11.78 -16.81
N ALA C 72 -14.23 11.59 -15.56
CA ALA C 72 -15.11 12.54 -14.89
C ALA C 72 -14.41 13.88 -14.79
N GLN C 73 -13.13 13.84 -14.46
CA GLN C 73 -12.30 15.03 -14.34
C GLN C 73 -12.49 15.90 -15.58
N SER C 74 -12.47 15.26 -16.74
CA SER C 74 -12.61 15.94 -18.02
C SER C 74 -14.06 16.02 -18.47
N GLY C 75 -14.97 16.00 -17.50
CA GLY C 75 -16.38 16.08 -17.80
C GLY C 75 -16.88 15.18 -18.93
N LEU C 76 -16.24 14.03 -19.14
CA LEU C 76 -16.64 13.11 -20.20
C LEU C 76 -17.70 12.11 -19.75
N LEU C 77 -18.09 12.17 -18.48
CA LEU C 77 -19.08 11.22 -17.98
C LEU C 77 -20.33 11.87 -17.44
N ALA C 78 -21.46 11.31 -17.84
CA ALA C 78 -22.75 11.78 -17.39
C ALA C 78 -22.95 11.37 -15.94
N GLU C 79 -23.40 12.30 -15.12
CA GLU C 79 -23.66 12.02 -13.73
C GLU C 79 -24.91 11.17 -13.70
N ILE C 80 -24.78 9.90 -13.31
CA ILE C 80 -25.95 9.01 -13.23
C ILE C 80 -26.66 9.26 -11.92
N THR C 81 -27.97 9.06 -11.90
CA THR C 81 -28.74 9.28 -10.69
C THR C 81 -29.85 8.28 -10.44
N PRO C 82 -29.49 7.11 -9.87
CA PRO C 82 -30.47 6.07 -9.59
C PRO C 82 -31.20 6.45 -8.30
N ASP C 83 -32.46 6.05 -8.17
CA ASP C 83 -33.19 6.36 -6.95
C ASP C 83 -32.68 5.46 -5.82
N LYS C 84 -32.78 5.95 -4.60
CA LYS C 84 -32.33 5.20 -3.43
C LYS C 84 -32.74 3.73 -3.51
N ALA C 85 -33.94 3.48 -4.00
CA ALA C 85 -34.45 2.11 -4.13
C ALA C 85 -33.49 1.27 -4.96
N PHE C 86 -33.07 1.81 -6.10
CA PHE C 86 -32.16 1.07 -6.98
C PHE C 86 -30.77 0.98 -6.36
N GLN C 87 -30.37 1.99 -5.62
CA GLN C 87 -29.06 1.97 -4.99
C GLN C 87 -28.94 0.86 -3.95
N ASP C 88 -29.98 0.69 -3.13
CA ASP C 88 -29.95 -0.33 -2.08
C ASP C 88 -29.82 -1.73 -2.68
N LYS C 89 -29.99 -1.83 -3.99
CA LYS C 89 -29.88 -3.12 -4.67
C LYS C 89 -28.43 -3.55 -4.84
N LEU C 90 -27.51 -2.60 -4.72
CA LEU C 90 -26.09 -2.91 -4.85
C LEU C 90 -25.32 -2.55 -3.60
N TYR C 91 -24.22 -3.25 -3.34
CA TYR C 91 -23.41 -2.98 -2.16
C TYR C 91 -22.89 -1.56 -2.17
N PRO C 92 -23.13 -0.82 -1.07
CA PRO C 92 -22.71 0.58 -0.88
C PRO C 92 -21.23 0.86 -1.18
N PHE C 93 -20.38 -0.14 -0.97
CA PHE C 93 -18.96 -0.02 -1.22
C PHE C 93 -18.64 0.13 -2.71
N THR C 94 -19.39 -0.59 -3.55
CA THR C 94 -19.17 -0.51 -4.99
C THR C 94 -19.59 0.86 -5.52
N TRP C 95 -20.57 1.48 -4.88
CA TRP C 95 -21.03 2.82 -5.29
C TRP C 95 -19.93 3.83 -5.00
N ASP C 96 -19.21 3.63 -3.90
CA ASP C 96 -18.12 4.51 -3.50
C ASP C 96 -16.99 4.44 -4.51
N ALA C 97 -16.82 3.28 -5.13
CA ALA C 97 -15.76 3.08 -6.12
C ALA C 97 -16.01 3.92 -7.36
N VAL C 98 -17.29 4.16 -7.66
CA VAL C 98 -17.66 4.94 -8.84
C VAL C 98 -18.20 6.32 -8.49
N ARG C 99 -17.73 6.86 -7.36
CA ARG C 99 -18.13 8.19 -6.94
C ARG C 99 -16.88 9.05 -7.06
N TYR C 100 -16.98 10.13 -7.83
CA TYR C 100 -15.86 11.03 -8.01
C TYR C 100 -16.32 12.44 -7.67
N ASN C 101 -15.65 13.07 -6.73
CA ASN C 101 -16.02 14.40 -6.31
C ASN C 101 -17.49 14.44 -5.96
N GLY C 102 -17.92 13.50 -5.14
CA GLY C 102 -19.30 13.43 -4.71
C GLY C 102 -20.35 13.20 -5.77
N LYS C 103 -19.95 12.67 -6.91
CA LYS C 103 -20.91 12.42 -7.99
C LYS C 103 -20.83 10.96 -8.42
N LEU C 104 -21.96 10.29 -8.54
CA LEU C 104 -21.92 8.91 -9.00
C LEU C 104 -21.74 9.07 -10.52
N ILE C 105 -20.65 8.53 -11.03
CA ILE C 105 -20.37 8.65 -12.45
C ILE C 105 -20.38 7.35 -13.22
N ALA C 106 -20.90 6.29 -12.61
CA ALA C 106 -20.98 5.00 -13.29
C ALA C 106 -21.81 4.01 -12.46
N TYR C 107 -22.09 2.86 -13.06
CA TYR C 107 -22.84 1.81 -12.39
C TYR C 107 -21.89 0.66 -12.10
N PRO C 108 -21.79 0.25 -10.83
CA PRO C 108 -20.90 -0.85 -10.45
C PRO C 108 -21.47 -2.17 -10.97
N ILE C 109 -20.61 -3.08 -11.40
CA ILE C 109 -21.10 -4.35 -11.91
C ILE C 109 -20.59 -5.54 -11.09
N ALA C 110 -19.28 -5.62 -10.90
CA ALA C 110 -18.67 -6.71 -10.17
C ALA C 110 -17.31 -6.35 -9.60
N VAL C 111 -16.93 -7.04 -8.52
CA VAL C 111 -15.66 -6.81 -7.85
C VAL C 111 -14.68 -7.84 -8.39
N GLU C 112 -13.53 -7.36 -8.84
CA GLU C 112 -12.55 -8.25 -9.42
C GLU C 112 -11.25 -8.27 -8.67
N ALA C 113 -10.71 -9.47 -8.51
CA ALA C 113 -9.45 -9.66 -7.83
C ALA C 113 -8.83 -10.89 -8.46
N LEU C 114 -7.52 -10.86 -8.61
CA LEU C 114 -6.79 -11.98 -9.18
C LEU C 114 -6.70 -13.12 -8.16
N SER C 115 -6.56 -14.34 -8.65
CA SER C 115 -6.42 -15.51 -7.77
C SER C 115 -5.36 -16.43 -8.35
N LEU C 116 -4.92 -17.38 -7.53
CA LEU C 116 -3.92 -18.36 -7.97
C LEU C 116 -4.72 -19.50 -8.60
N ILE C 117 -4.42 -19.85 -9.83
CA ILE C 117 -5.14 -20.94 -10.48
C ILE C 117 -4.20 -22.11 -10.70
N TYR C 118 -4.62 -23.30 -10.27
CA TYR C 118 -3.74 -24.46 -10.41
C TYR C 118 -4.39 -25.71 -10.97
N ASN C 119 -3.54 -26.52 -11.61
CA ASN C 119 -3.92 -27.78 -12.22
C ASN C 119 -3.82 -28.86 -11.14
N LYS C 120 -4.96 -29.36 -10.70
CA LYS C 120 -5.01 -30.39 -9.68
C LYS C 120 -4.30 -31.68 -10.06
N ASP C 121 -4.31 -32.01 -11.35
CA ASP C 121 -3.64 -33.25 -11.80
C ASP C 121 -2.13 -33.06 -11.87
N LEU C 122 -1.70 -31.82 -11.64
CA LEU C 122 -0.28 -31.52 -11.67
C LEU C 122 0.18 -31.07 -10.29
N LEU C 123 -0.69 -30.35 -9.60
CA LEU C 123 -0.42 -29.85 -8.25
C LEU C 123 -1.66 -30.05 -7.41
N PRO C 124 -1.72 -31.17 -6.68
CA PRO C 124 -2.90 -31.43 -5.84
C PRO C 124 -2.95 -30.41 -4.70
N ASN C 125 -1.77 -29.96 -4.30
CA ASN C 125 -1.66 -29.00 -3.22
C ASN C 125 -0.81 -27.81 -3.67
N PRO C 126 -1.46 -26.69 -3.99
CA PRO C 126 -0.73 -25.50 -4.43
C PRO C 126 0.11 -24.89 -3.30
N PRO C 127 1.25 -24.28 -3.65
CA PRO C 127 2.18 -23.65 -2.72
C PRO C 127 1.53 -22.50 -1.96
N LYS C 128 1.88 -22.36 -0.67
CA LYS C 128 1.32 -21.28 0.14
C LYS C 128 2.19 -20.05 -0.02
N THR C 129 3.44 -20.25 -0.43
CA THR C 129 4.38 -19.13 -0.56
C THR C 129 5.00 -19.03 -1.95
N TRP C 130 5.44 -17.83 -2.29
CA TRP C 130 6.12 -17.60 -3.56
C TRP C 130 7.46 -18.30 -3.48
N GLU C 131 8.10 -18.18 -2.33
CA GLU C 131 9.41 -18.74 -2.08
C GLU C 131 9.60 -20.20 -2.44
N GLU C 132 8.52 -20.98 -2.45
CA GLU C 132 8.70 -22.39 -2.75
C GLU C 132 8.46 -22.71 -4.22
N ILE C 133 8.10 -21.70 -4.99
CA ILE C 133 7.86 -21.91 -6.41
C ILE C 133 9.11 -22.33 -7.16
N PRO C 134 10.25 -21.67 -6.91
CA PRO C 134 11.50 -22.03 -7.60
C PRO C 134 11.80 -23.52 -7.54
N ALA C 135 11.89 -24.04 -6.32
CA ALA C 135 12.16 -25.46 -6.12
C ALA C 135 11.06 -26.29 -6.78
N LEU C 136 9.85 -25.77 -6.76
CA LEU C 136 8.72 -26.48 -7.32
C LEU C 136 8.82 -26.60 -8.83
N ASP C 137 9.40 -25.57 -9.46
CA ASP C 137 9.57 -25.55 -10.91
C ASP C 137 10.59 -26.60 -11.33
N LYS C 138 11.68 -26.68 -10.57
CA LYS C 138 12.74 -27.64 -10.84
C LYS C 138 12.15 -29.04 -10.91
N GLU C 139 11.24 -29.36 -10.00
CA GLU C 139 10.62 -30.67 -9.99
C GLU C 139 9.80 -30.88 -11.25
N LEU C 140 9.04 -29.85 -11.61
CA LEU C 140 8.18 -29.91 -12.78
C LEU C 140 8.93 -29.89 -14.12
N LYS C 141 10.03 -29.14 -14.18
CA LYS C 141 10.81 -29.07 -15.41
C LYS C 141 11.31 -30.46 -15.77
N ALA C 142 11.81 -31.18 -14.76
CA ALA C 142 12.33 -32.52 -14.94
C ALA C 142 11.32 -33.41 -15.63
N LYS C 143 10.05 -33.01 -15.57
CA LYS C 143 8.98 -33.78 -16.20
C LYS C 143 8.40 -33.02 -17.38
N GLY C 144 9.18 -32.10 -17.91
CA GLY C 144 8.76 -31.32 -19.06
C GLY C 144 7.66 -30.33 -18.75
N LYS C 145 7.62 -29.84 -17.51
CA LYS C 145 6.61 -28.88 -17.11
C LYS C 145 7.17 -27.65 -16.41
N SER C 146 6.30 -26.66 -16.20
CA SER C 146 6.70 -25.43 -15.52
C SER C 146 5.76 -25.18 -14.35
N ALA C 147 6.29 -24.56 -13.30
CA ALA C 147 5.51 -24.27 -12.11
C ALA C 147 4.45 -23.20 -12.32
N LEU C 148 4.88 -22.03 -12.76
CA LEU C 148 3.98 -20.91 -12.95
C LEU C 148 4.20 -20.10 -14.24
N MET C 149 3.11 -19.55 -14.77
CA MET C 149 3.15 -18.72 -15.98
C MET C 149 1.94 -17.80 -15.97
N PHE C 150 2.18 -16.50 -15.83
CA PHE C 150 1.11 -15.52 -15.85
C PHE C 150 1.59 -14.33 -16.67
N ASN C 151 0.68 -13.43 -16.99
CA ASN C 151 1.02 -12.28 -17.79
C ASN C 151 1.95 -11.29 -17.11
N LEU C 152 3.21 -11.29 -17.56
CA LEU C 152 4.25 -10.41 -17.02
C LEU C 152 4.39 -9.10 -17.78
N GLN C 153 3.40 -8.72 -18.58
CA GLN C 153 3.50 -7.48 -19.34
C GLN C 153 2.62 -6.37 -18.77
N GLU C 154 1.62 -6.77 -17.99
CA GLU C 154 0.71 -5.81 -17.39
C GLU C 154 0.98 -5.75 -15.89
N PRO C 155 1.30 -4.56 -15.38
CA PRO C 155 1.59 -4.35 -13.95
C PRO C 155 0.52 -4.92 -13.02
N TYR C 156 -0.71 -4.96 -13.50
CA TYR C 156 -1.85 -5.50 -12.76
C TYR C 156 -1.54 -6.87 -12.17
N PHE C 157 -0.95 -7.73 -13.00
CA PHE C 157 -0.63 -9.09 -12.62
C PHE C 157 0.59 -9.26 -11.74
N THR C 158 1.59 -8.40 -11.90
CA THR C 158 2.78 -8.52 -11.08
C THR C 158 2.69 -7.67 -9.82
N TRP C 159 1.77 -6.72 -9.81
CA TRP C 159 1.62 -5.85 -8.64
C TRP C 159 1.38 -6.57 -7.30
N PRO C 160 0.54 -7.62 -7.28
CA PRO C 160 0.28 -8.34 -6.03
C PRO C 160 1.54 -8.76 -5.27
N LEU C 161 2.53 -9.24 -6.01
CA LEU C 161 3.79 -9.67 -5.40
C LEU C 161 4.57 -8.44 -4.91
N ILE C 162 4.62 -7.43 -5.76
CA ILE C 162 5.32 -6.20 -5.45
C ILE C 162 4.74 -5.49 -4.23
N ALA C 163 3.42 -5.56 -4.08
CA ALA C 163 2.74 -4.91 -2.98
C ALA C 163 2.74 -5.71 -1.69
N ALA C 164 2.93 -7.01 -1.79
CA ALA C 164 2.93 -7.89 -0.62
C ALA C 164 3.75 -7.35 0.57
N ASP C 165 4.99 -6.96 0.31
CA ASP C 165 5.87 -6.48 1.38
C ASP C 165 5.93 -4.96 1.59
N GLY C 166 5.08 -4.20 0.91
CA GLY C 166 5.13 -2.77 1.15
C GLY C 166 4.67 -1.81 0.09
N GLY C 167 4.72 -2.23 -1.18
CA GLY C 167 4.31 -1.37 -2.25
C GLY C 167 2.87 -0.87 -2.19
N TYR C 168 2.66 0.32 -2.75
CA TYR C 168 1.34 0.93 -2.80
C TYR C 168 1.41 2.07 -3.81
N ALA C 169 0.28 2.44 -4.40
CA ALA C 169 0.25 3.51 -5.38
C ALA C 169 0.37 4.88 -4.71
N PHE C 170 -0.72 5.35 -4.14
CA PHE C 170 -0.76 6.65 -3.46
C PHE C 170 -1.19 6.48 -2.00
N LYS C 171 -0.40 7.02 -1.09
CA LYS C 171 -0.72 6.92 0.33
C LYS C 171 -2.10 7.51 0.60
N TYR C 172 -3.00 6.66 1.05
CA TYR C 172 -4.36 7.11 1.36
C TYR C 172 -4.51 7.30 2.86
N GLU C 173 -5.24 8.34 3.25
CA GLU C 173 -5.46 8.61 4.65
C GLU C 173 -6.55 9.66 4.84
N ASN C 174 -7.28 9.55 5.94
CA ASN C 174 -8.37 10.47 6.27
C ASN C 174 -9.16 10.90 5.03
N GLY C 175 -9.69 9.90 4.31
CA GLY C 175 -10.47 10.17 3.11
C GLY C 175 -9.76 11.10 2.13
N LYS C 176 -8.56 10.72 1.73
CA LYS C 176 -7.78 11.53 0.80
C LYS C 176 -6.57 10.78 0.27
N TYR C 177 -6.37 10.86 -1.06
CA TYR C 177 -5.22 10.23 -1.69
C TYR C 177 -4.17 11.31 -1.90
N ASP C 178 -2.93 11.01 -1.55
CA ASP C 178 -1.87 11.99 -1.70
C ASP C 178 -1.01 11.68 -2.91
N ILE C 179 -1.34 12.31 -4.04
CA ILE C 179 -0.60 12.11 -5.28
C ILE C 179 0.88 12.42 -5.12
N LYS C 180 1.26 12.91 -3.95
CA LYS C 180 2.65 13.27 -3.66
C LYS C 180 3.42 12.12 -3.04
N ASP C 181 2.72 11.22 -2.35
CA ASP C 181 3.40 10.08 -1.71
C ASP C 181 3.15 8.76 -2.42
N VAL C 182 4.04 8.43 -3.35
CA VAL C 182 3.95 7.20 -4.12
C VAL C 182 4.79 6.13 -3.44
N GLY C 183 4.24 4.92 -3.33
CA GLY C 183 4.98 3.85 -2.68
C GLY C 183 5.38 2.71 -3.59
N VAL C 184 6.13 3.00 -4.65
CA VAL C 184 6.58 1.96 -5.56
C VAL C 184 8.10 1.88 -5.45
N ASP C 185 8.65 2.84 -4.71
CA ASP C 185 10.10 2.96 -4.53
C ASP C 185 10.66 2.51 -3.19
N ASN C 186 9.86 1.87 -2.35
CA ASN C 186 10.36 1.44 -1.05
C ASN C 186 10.99 0.06 -1.07
N ALA C 187 11.56 -0.32 0.08
CA ALA C 187 12.24 -1.60 0.22
C ALA C 187 11.31 -2.79 0.01
N GLY C 188 10.04 -2.62 0.40
CA GLY C 188 9.08 -3.68 0.23
C GLY C 188 8.86 -3.99 -1.24
N ALA C 189 8.57 -2.94 -2.02
CA ALA C 189 8.35 -3.08 -3.45
C ALA C 189 9.56 -3.72 -4.14
N LYS C 190 10.77 -3.26 -3.79
CA LYS C 190 12.00 -3.79 -4.37
C LYS C 190 12.17 -5.28 -4.16
N ALA C 191 11.94 -5.73 -2.95
CA ALA C 191 12.07 -7.14 -2.63
C ALA C 191 11.12 -7.95 -3.51
N GLY C 192 9.90 -7.45 -3.67
CA GLY C 192 8.93 -8.13 -4.50
C GLY C 192 9.39 -8.22 -5.95
N LEU C 193 9.69 -7.06 -6.52
CA LEU C 193 10.13 -6.99 -7.91
C LEU C 193 11.41 -7.78 -8.09
N THR C 194 12.27 -7.75 -7.08
CA THR C 194 13.52 -8.48 -7.16
C THR C 194 13.25 -9.96 -7.20
N PHE C 195 12.31 -10.43 -6.40
CA PHE C 195 11.99 -11.85 -6.37
C PHE C 195 11.48 -12.28 -7.73
N LEU C 196 10.72 -11.39 -8.36
CA LEU C 196 10.18 -11.66 -9.69
C LEU C 196 11.34 -11.76 -10.67
N VAL C 197 12.16 -10.72 -10.72
CA VAL C 197 13.30 -10.70 -11.60
C VAL C 197 14.15 -11.97 -11.44
N ASP C 198 14.41 -12.35 -10.20
CA ASP C 198 15.20 -13.55 -9.94
C ASP C 198 14.56 -14.80 -10.53
N LEU C 199 13.24 -14.88 -10.46
CA LEU C 199 12.53 -16.03 -11.00
C LEU C 199 12.80 -16.11 -12.49
N ILE C 200 12.93 -14.94 -13.11
CA ILE C 200 13.20 -14.85 -14.54
C ILE C 200 14.67 -15.14 -14.81
N LYS C 201 15.54 -14.55 -14.00
CA LYS C 201 16.97 -14.78 -14.15
C LYS C 201 17.30 -16.26 -14.03
N ASN C 202 16.58 -16.96 -13.16
CA ASN C 202 16.83 -18.37 -12.94
C ASN C 202 16.03 -19.29 -13.86
N LYS C 203 15.55 -18.75 -14.96
CA LYS C 203 14.80 -19.53 -15.94
C LYS C 203 13.46 -20.09 -15.49
N HIS C 204 13.03 -19.75 -14.27
CA HIS C 204 11.76 -20.24 -13.77
C HIS C 204 10.61 -19.60 -14.54
N MET C 205 10.84 -18.39 -15.04
CA MET C 205 9.85 -17.68 -15.84
C MET C 205 10.54 -16.91 -16.96
N ASN C 206 9.77 -16.59 -18.01
CA ASN C 206 10.30 -15.85 -19.14
C ASN C 206 9.72 -14.44 -19.20
N ALA C 207 10.58 -13.45 -19.31
CA ALA C 207 10.16 -12.05 -19.34
C ALA C 207 9.17 -11.70 -20.44
N ASP C 208 9.14 -12.48 -21.51
CA ASP C 208 8.25 -12.24 -22.64
C ASP C 208 6.85 -12.80 -22.48
N THR C 209 6.65 -13.67 -21.50
CA THR C 209 5.33 -14.27 -21.29
C THR C 209 4.24 -13.20 -21.16
N ASP C 210 3.17 -13.37 -21.94
CA ASP C 210 2.06 -12.42 -21.90
C ASP C 210 0.76 -13.17 -21.63
N TYR C 211 -0.36 -12.44 -21.62
CA TYR C 211 -1.66 -13.05 -21.36
C TYR C 211 -1.90 -14.27 -22.25
N SER C 212 -1.72 -14.10 -23.56
CA SER C 212 -1.91 -15.20 -24.50
C SER C 212 -1.05 -16.40 -24.19
N ILE C 213 0.25 -16.19 -24.07
CA ILE C 213 1.14 -17.29 -23.77
C ILE C 213 0.64 -18.03 -22.54
N ALA C 214 0.75 -17.39 -21.38
CA ALA C 214 0.33 -17.99 -20.12
C ALA C 214 -1.01 -18.72 -20.22
N GLU C 215 -2.06 -18.03 -20.65
CA GLU C 215 -3.37 -18.67 -20.75
C GLU C 215 -3.35 -19.92 -21.60
N ALA C 216 -2.57 -19.90 -22.67
CA ALA C 216 -2.49 -21.04 -23.57
C ALA C 216 -1.80 -22.21 -22.88
N ALA C 217 -0.66 -21.93 -22.26
CA ALA C 217 0.12 -22.94 -21.57
C ALA C 217 -0.65 -23.61 -20.44
N PHE C 218 -1.45 -22.84 -19.71
CA PHE C 218 -2.18 -23.42 -18.60
C PHE C 218 -3.35 -24.28 -19.05
N ASN C 219 -4.12 -23.78 -20.00
CA ASN C 219 -5.27 -24.53 -20.48
C ASN C 219 -4.86 -25.75 -21.32
N LYS C 220 -3.56 -25.92 -21.51
CA LYS C 220 -3.03 -27.07 -22.24
C LYS C 220 -2.26 -27.99 -21.30
N GLY C 221 -2.33 -27.68 -20.00
CA GLY C 221 -1.67 -28.50 -19.00
C GLY C 221 -0.17 -28.46 -19.01
N GLU C 222 0.41 -27.46 -19.67
CA GLU C 222 1.86 -27.34 -19.76
C GLU C 222 2.47 -26.69 -18.50
N THR C 223 1.65 -25.96 -17.75
CA THR C 223 2.14 -25.31 -16.54
C THR C 223 1.20 -25.64 -15.39
N ALA C 224 1.77 -25.86 -14.21
CA ALA C 224 0.99 -26.21 -13.03
C ALA C 224 0.13 -25.08 -12.49
N MET C 225 0.63 -23.84 -12.59
CA MET C 225 -0.13 -22.70 -12.10
C MET C 225 -0.15 -21.49 -13.04
N THR C 226 -1.03 -20.55 -12.71
CA THR C 226 -1.18 -19.30 -13.43
C THR C 226 -1.91 -18.34 -12.51
N ILE C 227 -1.93 -17.06 -12.84
CA ILE C 227 -2.61 -16.06 -12.03
C ILE C 227 -3.54 -15.29 -12.96
N ASN C 228 -4.83 -15.26 -12.64
CA ASN C 228 -5.77 -14.56 -13.50
C ASN C 228 -7.05 -14.21 -12.76
N GLY C 229 -7.97 -13.55 -13.47
CA GLY C 229 -9.24 -13.14 -12.90
C GLY C 229 -10.40 -14.08 -13.24
N PRO C 230 -11.57 -13.86 -12.64
CA PRO C 230 -12.76 -14.69 -12.88
C PRO C 230 -13.12 -14.87 -14.35
N TRP C 231 -12.87 -13.83 -15.15
CA TRP C 231 -13.18 -13.87 -16.58
C TRP C 231 -12.45 -15.01 -17.29
N ALA C 232 -11.33 -15.44 -16.72
CA ALA C 232 -10.55 -16.52 -17.32
C ALA C 232 -11.09 -17.92 -17.08
N TRP C 233 -12.08 -18.07 -16.19
CA TRP C 233 -12.59 -19.39 -15.89
C TRP C 233 -13.24 -20.15 -17.05
N SER C 234 -14.07 -19.47 -17.84
CA SER C 234 -14.74 -20.08 -18.98
C SER C 234 -13.82 -20.92 -19.87
N ASN C 235 -12.72 -20.33 -20.32
CA ASN C 235 -11.80 -21.03 -21.20
C ASN C 235 -11.12 -22.23 -20.55
N ILE C 236 -10.94 -22.20 -19.23
CA ILE C 236 -10.31 -23.32 -18.55
C ILE C 236 -11.36 -24.43 -18.48
N ASP C 237 -12.61 -24.04 -18.27
CA ASP C 237 -13.71 -24.98 -18.19
C ASP C 237 -13.73 -25.85 -19.44
N THR C 238 -13.72 -25.22 -20.60
CA THR C 238 -13.75 -25.96 -21.86
C THR C 238 -12.39 -26.54 -22.25
N SER C 239 -11.39 -26.42 -21.38
CA SER C 239 -10.07 -26.94 -21.67
C SER C 239 -9.85 -28.35 -21.14
N LYS C 240 -10.86 -28.91 -20.49
CA LYS C 240 -10.75 -30.26 -19.95
C LYS C 240 -9.73 -30.34 -18.79
N VAL C 241 -9.18 -29.19 -18.39
CA VAL C 241 -8.23 -29.20 -17.29
C VAL C 241 -9.00 -29.20 -15.98
N ASN C 242 -8.50 -29.96 -15.01
CA ASN C 242 -9.13 -30.03 -13.69
C ASN C 242 -8.38 -29.01 -12.85
N TYR C 243 -8.99 -27.84 -12.70
CA TYR C 243 -8.34 -26.77 -11.96
C TYR C 243 -9.02 -26.35 -10.67
N GLY C 244 -8.24 -25.67 -9.83
CA GLY C 244 -8.75 -25.15 -8.57
C GLY C 244 -8.40 -23.67 -8.52
N VAL C 245 -9.20 -22.89 -7.79
CA VAL C 245 -8.94 -21.45 -7.66
C VAL C 245 -8.76 -21.16 -6.18
N THR C 246 -7.58 -20.67 -5.80
CA THR C 246 -7.31 -20.41 -4.40
C THR C 246 -6.64 -19.07 -4.10
N VAL C 247 -6.22 -18.91 -2.84
CA VAL C 247 -5.54 -17.71 -2.36
C VAL C 247 -4.18 -17.60 -3.03
N LEU C 248 -3.78 -16.38 -3.38
CA LEU C 248 -2.49 -16.16 -4.00
C LEU C 248 -1.43 -16.48 -2.96
N PRO C 249 -0.24 -16.93 -3.40
CA PRO C 249 0.80 -17.25 -2.43
C PRO C 249 1.31 -16.03 -1.67
N THR C 250 1.81 -16.27 -0.46
CA THR C 250 2.33 -15.18 0.34
C THR C 250 3.80 -14.93 -0.02
N PHE C 251 4.27 -13.75 0.31
CA PHE C 251 5.67 -13.41 0.10
C PHE C 251 6.17 -12.80 1.40
N LYS C 252 7.27 -13.32 1.91
CA LYS C 252 7.84 -12.85 3.16
C LYS C 252 6.76 -12.90 4.24
N GLY C 253 6.02 -14.00 4.25
CA GLY C 253 4.97 -14.22 5.23
C GLY C 253 3.78 -13.28 5.15
N GLN C 254 3.66 -12.54 4.05
CA GLN C 254 2.56 -11.60 3.91
C GLN C 254 1.77 -11.91 2.64
N PRO C 255 0.46 -11.64 2.67
CA PRO C 255 -0.45 -11.88 1.55
C PRO C 255 -0.08 -11.09 0.31
N SER C 256 -0.27 -11.70 -0.86
CA SER C 256 -0.03 -10.94 -2.09
C SER C 256 -1.20 -9.97 -2.04
N LYS C 257 -0.99 -8.73 -2.44
CA LYS C 257 -2.09 -7.79 -2.40
C LYS C 257 -2.51 -7.32 -3.79
N PRO C 258 -3.50 -7.99 -4.38
CA PRO C 258 -3.94 -7.56 -5.71
C PRO C 258 -4.70 -6.25 -5.64
N PHE C 259 -4.64 -5.47 -6.71
CA PHE C 259 -5.38 -4.23 -6.77
C PHE C 259 -6.80 -4.64 -7.17
N VAL C 260 -7.77 -4.26 -6.36
CA VAL C 260 -9.13 -4.63 -6.63
C VAL C 260 -9.84 -3.66 -7.55
N GLY C 261 -10.35 -4.18 -8.64
CA GLY C 261 -11.07 -3.37 -9.59
C GLY C 261 -12.54 -3.69 -9.61
N VAL C 262 -13.37 -2.67 -9.75
CA VAL C 262 -14.81 -2.84 -9.83
C VAL C 262 -15.26 -2.56 -11.25
N LEU C 263 -15.56 -3.60 -12.01
CA LEU C 263 -16.02 -3.44 -13.39
C LEU C 263 -17.20 -2.50 -13.35
N SER C 264 -17.11 -1.39 -14.09
CA SER C 264 -18.19 -0.43 -14.08
C SER C 264 -18.63 -0.01 -15.47
N ALA C 265 -19.81 0.61 -15.54
CA ALA C 265 -20.36 1.08 -16.81
C ALA C 265 -20.73 2.56 -16.72
N GLY C 266 -19.96 3.38 -17.43
CA GLY C 266 -20.21 4.82 -17.44
C GLY C 266 -20.98 5.23 -18.69
N ILE C 267 -21.62 6.39 -18.61
CA ILE C 267 -22.41 6.90 -19.72
C ILE C 267 -21.79 8.15 -20.31
N ASN C 268 -21.47 8.08 -21.60
CA ASN C 268 -20.86 9.18 -22.35
C ASN C 268 -21.63 10.49 -22.14
N ALA C 269 -20.93 11.52 -21.68
CA ALA C 269 -21.57 12.81 -21.44
C ALA C 269 -22.08 13.42 -22.75
N ALA C 270 -21.46 13.04 -23.86
CA ALA C 270 -21.83 13.56 -25.18
C ALA C 270 -22.93 12.73 -25.82
N SER C 271 -23.25 11.60 -25.21
CA SER C 271 -24.29 10.72 -25.73
C SER C 271 -25.68 11.32 -25.67
N PRO C 272 -26.43 11.22 -26.78
CA PRO C 272 -27.80 11.74 -26.89
C PRO C 272 -28.76 10.64 -26.48
N ASN C 273 -28.22 9.60 -25.86
CA ASN C 273 -29.05 8.48 -25.45
C ASN C 273 -28.99 8.20 -23.96
N LYS C 274 -28.68 9.23 -23.17
CA LYS C 274 -28.61 9.13 -21.73
C LYS C 274 -29.71 8.21 -21.18
N GLU C 275 -30.96 8.59 -21.41
CA GLU C 275 -32.09 7.81 -20.94
C GLU C 275 -32.08 6.35 -21.34
N LEU C 276 -31.94 6.07 -22.63
CA LEU C 276 -31.93 4.68 -23.08
C LEU C 276 -30.84 3.87 -22.36
N ALA C 277 -29.70 4.51 -22.13
CA ALA C 277 -28.59 3.86 -21.45
C ALA C 277 -28.98 3.45 -20.02
N LYS C 278 -29.46 4.42 -19.24
CA LYS C 278 -29.86 4.15 -17.86
C LYS C 278 -30.91 3.05 -17.81
N GLU C 279 -31.84 3.12 -18.75
CA GLU C 279 -32.91 2.13 -18.86
C GLU C 279 -32.27 0.76 -19.00
N PHE C 280 -31.39 0.63 -20.00
CA PHE C 280 -30.71 -0.63 -20.26
C PHE C 280 -29.84 -1.08 -19.07
N LEU C 281 -29.06 -0.17 -18.51
CA LEU C 281 -28.21 -0.53 -17.39
C LEU C 281 -29.00 -0.97 -16.16
N GLU C 282 -29.86 -0.09 -15.65
CA GLU C 282 -30.64 -0.39 -14.45
C GLU C 282 -31.69 -1.49 -14.57
N ASN C 283 -32.46 -1.47 -15.65
CA ASN C 283 -33.53 -2.44 -15.79
C ASN C 283 -33.28 -3.67 -16.63
N TYR C 284 -32.14 -3.75 -17.29
CA TYR C 284 -31.84 -4.93 -18.10
C TYR C 284 -30.57 -5.66 -17.69
N LEU C 285 -29.49 -4.91 -17.52
CA LEU C 285 -28.21 -5.52 -17.14
C LEU C 285 -28.14 -5.83 -15.65
N LEU C 286 -28.38 -4.84 -14.81
CA LEU C 286 -28.31 -5.05 -13.38
C LEU C 286 -29.52 -5.77 -12.80
N THR C 287 -29.71 -6.98 -13.30
CA THR C 287 -30.79 -7.87 -12.88
C THR C 287 -30.14 -9.26 -12.86
N ASP C 288 -30.86 -10.26 -12.36
CA ASP C 288 -30.31 -11.60 -12.30
C ASP C 288 -30.11 -12.17 -13.71
N GLU C 289 -31.10 -11.96 -14.59
CA GLU C 289 -31.03 -12.45 -15.97
C GLU C 289 -29.91 -11.74 -16.72
N GLY C 290 -29.81 -10.43 -16.51
CA GLY C 290 -28.78 -9.66 -17.17
C GLY C 290 -27.40 -10.22 -16.83
N LEU C 291 -26.99 -10.02 -15.58
CA LEU C 291 -25.69 -10.49 -15.14
C LEU C 291 -25.49 -11.96 -15.43
N GLU C 292 -26.57 -12.73 -15.37
CA GLU C 292 -26.43 -14.16 -15.63
C GLU C 292 -25.97 -14.37 -17.05
N ALA C 293 -26.64 -13.70 -17.98
CA ALA C 293 -26.32 -13.80 -19.39
C ALA C 293 -24.83 -13.52 -19.57
N VAL C 294 -24.42 -12.38 -19.03
CA VAL C 294 -23.02 -11.96 -19.11
C VAL C 294 -22.10 -13.00 -18.45
N ASN C 295 -22.41 -13.32 -17.20
CA ASN C 295 -21.63 -14.26 -16.42
C ASN C 295 -21.43 -15.66 -17.02
N LYS C 296 -22.45 -16.20 -17.70
CA LYS C 296 -22.25 -17.53 -18.27
C LYS C 296 -21.49 -17.51 -19.59
N ASP C 297 -20.99 -16.33 -19.95
CA ASP C 297 -20.17 -16.18 -21.13
C ASP C 297 -18.77 -16.11 -20.55
N LYS C 298 -18.54 -15.12 -19.70
CA LYS C 298 -17.26 -14.92 -19.01
C LYS C 298 -17.63 -14.51 -17.59
N PRO C 299 -17.28 -15.35 -16.60
CA PRO C 299 -17.57 -15.08 -15.19
C PRO C 299 -17.22 -13.67 -14.76
N LEU C 300 -18.18 -13.00 -14.13
CA LEU C 300 -17.97 -11.64 -13.65
C LEU C 300 -17.22 -11.65 -12.32
N GLY C 301 -17.31 -12.75 -11.60
CA GLY C 301 -16.67 -12.85 -10.31
C GLY C 301 -17.68 -12.56 -9.20
N ALA C 302 -17.35 -11.60 -8.34
CA ALA C 302 -18.22 -11.24 -7.23
C ALA C 302 -19.04 -10.03 -7.64
N VAL C 303 -20.26 -10.26 -8.08
CA VAL C 303 -21.11 -9.18 -8.55
C VAL C 303 -21.58 -8.21 -7.46
N ALA C 304 -21.86 -6.97 -7.88
CA ALA C 304 -22.28 -5.92 -6.96
C ALA C 304 -23.78 -5.90 -6.66
N LEU C 305 -24.54 -6.63 -7.46
CA LEU C 305 -25.99 -6.71 -7.27
C LEU C 305 -26.26 -7.75 -6.20
N LYS C 306 -26.64 -7.28 -5.02
CA LYS C 306 -26.90 -8.14 -3.85
C LYS C 306 -27.64 -9.44 -4.17
N SER C 307 -28.80 -9.33 -4.80
CA SER C 307 -29.59 -10.49 -5.13
C SER C 307 -28.82 -11.57 -5.89
N TYR C 308 -28.01 -11.17 -6.87
CA TYR C 308 -27.28 -12.16 -7.66
C TYR C 308 -26.00 -12.69 -7.04
N GLU C 309 -25.27 -11.86 -6.29
CA GLU C 309 -24.04 -12.38 -5.69
C GLU C 309 -24.38 -13.45 -4.67
N GLU C 310 -25.59 -13.39 -4.12
CA GLU C 310 -26.01 -14.39 -3.17
C GLU C 310 -26.24 -15.73 -3.88
N GLU C 311 -26.73 -15.68 -5.11
CA GLU C 311 -26.98 -16.90 -5.84
C GLU C 311 -25.69 -17.60 -6.25
N LEU C 312 -24.62 -16.84 -6.37
CA LEU C 312 -23.34 -17.41 -6.78
C LEU C 312 -22.34 -17.56 -5.64
N ALA C 313 -22.66 -16.98 -4.49
CA ALA C 313 -21.77 -17.02 -3.33
C ALA C 313 -21.23 -18.40 -2.98
N LYS C 314 -22.00 -19.44 -3.24
CA LYS C 314 -21.60 -20.79 -2.90
C LYS C 314 -20.50 -21.40 -3.78
N ASP C 315 -20.02 -20.63 -4.74
CA ASP C 315 -18.98 -21.10 -5.65
C ASP C 315 -17.60 -20.93 -5.01
N PRO C 316 -16.89 -22.02 -4.72
CA PRO C 316 -15.56 -21.94 -4.11
C PRO C 316 -14.59 -21.01 -4.83
N ARG C 317 -14.76 -20.87 -6.15
CA ARG C 317 -13.91 -19.99 -6.94
C ARG C 317 -14.20 -18.53 -6.57
N ILE C 318 -15.47 -18.23 -6.30
CA ILE C 318 -15.84 -16.87 -5.94
C ILE C 318 -15.42 -16.57 -4.51
N ALA C 319 -15.42 -17.59 -3.66
CA ALA C 319 -15.01 -17.40 -2.28
C ALA C 319 -13.52 -17.05 -2.31
N ALA C 320 -12.78 -17.70 -3.19
CA ALA C 320 -11.35 -17.44 -3.31
C ALA C 320 -11.13 -16.02 -3.82
N THR C 321 -12.02 -15.58 -4.71
CA THR C 321 -11.94 -14.25 -5.27
C THR C 321 -12.14 -13.22 -4.16
N MET C 322 -13.17 -13.43 -3.35
CA MET C 322 -13.47 -12.55 -2.22
C MET C 322 -12.27 -12.48 -1.26
N GLU C 323 -11.70 -13.62 -0.94
CA GLU C 323 -10.55 -13.63 -0.04
C GLU C 323 -9.38 -12.81 -0.57
N ASN C 324 -9.01 -13.02 -1.83
CA ASN C 324 -7.91 -12.26 -2.40
C ASN C 324 -8.29 -10.79 -2.49
N ALA C 325 -9.58 -10.52 -2.62
CA ALA C 325 -10.05 -9.15 -2.72
C ALA C 325 -9.93 -8.46 -1.37
N GLN C 326 -10.19 -9.20 -0.30
CA GLN C 326 -10.11 -8.62 1.02
C GLN C 326 -8.65 -8.42 1.44
N LYS C 327 -7.74 -9.25 0.90
CA LYS C 327 -6.33 -9.14 1.23
C LYS C 327 -5.62 -8.11 0.33
N GLY C 328 -6.31 -7.61 -0.68
CA GLY C 328 -5.71 -6.63 -1.57
C GLY C 328 -6.22 -5.23 -1.27
N GLU C 329 -6.02 -4.30 -2.20
CA GLU C 329 -6.46 -2.92 -2.01
C GLU C 329 -7.41 -2.49 -3.11
N ILE C 330 -8.36 -1.63 -2.75
CA ILE C 330 -9.28 -1.11 -3.74
C ILE C 330 -8.48 -0.03 -4.47
N MET C 331 -8.49 -0.07 -5.80
CA MET C 331 -7.75 0.92 -6.57
C MET C 331 -8.36 2.30 -6.41
N PRO C 332 -7.51 3.34 -6.46
CA PRO C 332 -8.06 4.70 -6.34
C PRO C 332 -8.69 4.99 -7.71
N ASN C 333 -9.61 5.94 -7.78
CA ASN C 333 -10.22 6.26 -9.07
C ASN C 333 -9.74 7.64 -9.53
N ILE C 334 -8.76 8.18 -8.82
CA ILE C 334 -8.23 9.49 -9.14
C ILE C 334 -7.53 9.53 -10.51
N PRO C 335 -7.50 10.72 -11.14
CA PRO C 335 -6.87 10.93 -12.44
C PRO C 335 -5.44 10.41 -12.60
N GLN C 336 -4.64 10.56 -11.55
CA GLN C 336 -3.26 10.13 -11.57
C GLN C 336 -3.04 8.63 -11.66
N MET C 337 -4.09 7.85 -11.39
CA MET C 337 -3.95 6.39 -11.45
C MET C 337 -3.32 5.92 -12.75
N SER C 338 -3.73 6.52 -13.86
CA SER C 338 -3.20 6.16 -15.17
C SER C 338 -1.70 6.36 -15.23
N ALA C 339 -1.23 7.49 -14.71
CA ALA C 339 0.18 7.79 -14.69
C ALA C 339 0.91 6.68 -13.95
N PHE C 340 0.36 6.30 -12.79
CA PHE C 340 0.93 5.24 -11.97
C PHE C 340 1.07 3.92 -12.73
N TRP C 341 -0.02 3.47 -13.35
CA TRP C 341 0.00 2.23 -14.09
C TRP C 341 1.06 2.27 -15.19
N TYR C 342 1.08 3.35 -15.96
CA TYR C 342 2.07 3.48 -17.03
C TYR C 342 3.48 3.38 -16.47
N ALA C 343 3.72 4.09 -15.37
CA ALA C 343 5.03 4.09 -14.73
C ALA C 343 5.45 2.68 -14.30
N VAL C 344 4.55 1.97 -13.63
CA VAL C 344 4.90 0.64 -13.16
C VAL C 344 5.05 -0.34 -14.32
N ARG C 345 4.33 -0.12 -15.42
CA ARG C 345 4.45 -1.01 -16.58
C ARG C 345 5.90 -0.94 -17.03
N THR C 346 6.38 0.28 -17.25
CA THR C 346 7.75 0.51 -17.69
C THR C 346 8.73 -0.17 -16.74
N ALA C 347 8.69 0.25 -15.47
CA ALA C 347 9.57 -0.28 -14.45
C ALA C 347 9.65 -1.80 -14.42
N VAL C 348 8.51 -2.48 -14.47
CA VAL C 348 8.53 -3.93 -14.42
C VAL C 348 9.10 -4.53 -15.70
N ILE C 349 8.66 -4.00 -16.84
CA ILE C 349 9.15 -4.48 -18.12
C ILE C 349 10.67 -4.29 -18.23
N ASN C 350 11.17 -3.13 -17.81
CA ASN C 350 12.59 -2.88 -17.87
C ASN C 350 13.37 -3.81 -16.94
N ALA C 351 12.89 -3.96 -15.71
CA ALA C 351 13.57 -4.81 -14.75
C ALA C 351 13.58 -6.26 -15.21
N ALA C 352 12.45 -6.72 -15.75
CA ALA C 352 12.36 -8.10 -16.22
C ALA C 352 13.30 -8.38 -17.39
N SER C 353 13.39 -7.43 -18.32
CA SER C 353 14.25 -7.60 -19.49
C SER C 353 15.72 -7.29 -19.22
N GLY C 354 16.00 -6.58 -18.14
CA GLY C 354 17.37 -6.26 -17.82
C GLY C 354 17.76 -4.84 -18.21
N ARG C 355 16.90 -4.19 -18.99
CA ARG C 355 17.16 -2.82 -19.43
C ARG C 355 17.53 -1.90 -18.26
N GLN C 356 17.10 -2.27 -17.06
CA GLN C 356 17.39 -1.50 -15.84
C GLN C 356 17.46 -2.45 -14.66
N THR C 357 18.02 -1.96 -13.56
CA THR C 357 18.11 -2.75 -12.34
C THR C 357 16.78 -2.51 -11.65
N VAL C 358 16.51 -3.26 -10.58
CA VAL C 358 15.27 -3.07 -9.84
C VAL C 358 15.25 -1.68 -9.23
N ASP C 359 16.37 -1.25 -8.66
CA ASP C 359 16.46 0.07 -8.04
C ASP C 359 16.31 1.18 -9.07
N GLU C 360 16.83 0.95 -10.27
CA GLU C 360 16.74 1.94 -11.33
C GLU C 360 15.29 2.00 -11.80
N ALA C 361 14.73 0.85 -12.12
CA ALA C 361 13.36 0.76 -12.60
C ALA C 361 12.34 1.40 -11.66
N LEU C 362 12.43 1.10 -10.38
CA LEU C 362 11.48 1.64 -9.41
C LEU C 362 11.67 3.11 -9.05
N LYS C 363 12.89 3.63 -9.19
CA LYS C 363 13.11 5.03 -8.88
C LYS C 363 12.45 5.89 -9.96
N ASP C 364 12.63 5.51 -11.23
CA ASP C 364 12.01 6.26 -12.30
C ASP C 364 10.51 6.17 -12.14
N ALA C 365 10.03 4.96 -11.90
CA ALA C 365 8.61 4.71 -11.73
C ALA C 365 8.09 5.64 -10.64
N GLN C 366 8.84 5.71 -9.55
CA GLN C 366 8.50 6.54 -8.41
C GLN C 366 8.28 7.99 -8.82
N THR C 367 9.27 8.56 -9.50
CA THR C 367 9.21 9.94 -9.94
C THR C 367 8.08 10.18 -10.94
N ASN C 368 7.97 9.28 -11.92
CA ASN C 368 6.94 9.41 -12.96
C ASN C 368 5.50 9.28 -12.49
N SER C 369 5.27 8.59 -11.39
CA SER C 369 3.92 8.41 -10.86
C SER C 369 3.40 9.70 -10.22
N SER C 370 4.31 10.43 -9.60
CA SER C 370 3.98 11.67 -8.92
C SER C 370 4.25 12.89 -9.80
N SER C 371 4.01 12.74 -11.11
CA SER C 371 4.22 13.82 -12.06
C SER C 371 2.94 14.64 -12.25
N PRO D 2 -5.10 16.41 -23.83
CA PRO D 2 -6.19 17.42 -23.80
C PRO D 2 -7.40 16.88 -23.04
N VAL D 3 -8.39 16.41 -23.79
CA VAL D 3 -9.63 15.85 -23.25
C VAL D 3 -10.56 16.96 -22.74
N LYS D 4 -10.00 18.14 -22.52
CA LYS D 4 -10.73 19.35 -22.08
C LYS D 4 -11.39 19.31 -20.70
N SER D 5 -12.20 20.32 -20.43
CA SER D 5 -12.95 20.47 -19.18
C SER D 5 -14.15 21.39 -19.46
N GLN D 6 -14.43 22.35 -18.59
CA GLN D 6 -15.55 23.27 -18.77
C GLN D 6 -15.44 24.58 -17.99
N GLU D 7 -15.36 24.46 -16.67
CA GLU D 7 -15.27 25.60 -15.76
C GLU D 7 -14.46 26.81 -16.22
N SER D 8 -13.14 26.66 -16.27
CA SER D 8 -12.25 27.75 -16.67
C SER D 8 -12.47 28.18 -18.12
N ILE D 9 -12.61 27.20 -19.01
CA ILE D 9 -12.82 27.44 -20.44
C ILE D 9 -13.62 28.71 -20.71
N ASN D 10 -14.86 28.72 -20.25
CA ASN D 10 -15.76 29.85 -20.43
C ASN D 10 -15.11 31.20 -20.14
N GLN D 11 -14.51 31.33 -18.96
CA GLN D 11 -13.87 32.58 -18.57
C GLN D 11 -12.56 32.77 -19.35
N LYS D 12 -11.96 31.66 -19.77
CA LYS D 12 -10.72 31.70 -20.52
C LYS D 12 -10.90 32.37 -21.87
N LEU D 13 -11.94 31.97 -22.60
CA LEU D 13 -12.24 32.56 -23.90
C LEU D 13 -12.97 33.87 -23.69
N ALA D 14 -13.50 34.03 -22.47
CA ALA D 14 -14.22 35.24 -22.12
C ALA D 14 -13.31 36.44 -22.33
N LEU D 15 -12.07 36.30 -21.88
CA LEU D 15 -11.07 37.36 -22.02
C LEU D 15 -10.77 37.63 -23.48
N VAL D 16 -10.45 36.57 -24.22
CA VAL D 16 -10.13 36.67 -25.65
C VAL D 16 -11.08 37.63 -26.38
N ILE D 17 -12.34 37.61 -25.98
CA ILE D 17 -13.36 38.45 -26.58
C ILE D 17 -12.98 39.93 -26.52
N LYS D 18 -12.24 40.33 -25.49
CA LYS D 18 -11.82 41.72 -25.34
C LYS D 18 -10.33 41.94 -25.57
N SER D 19 -9.53 40.92 -25.31
CA SER D 19 -8.08 41.00 -25.48
C SER D 19 -7.68 41.00 -26.96
N GLY D 20 -8.10 39.98 -27.69
CA GLY D 20 -7.76 39.89 -29.10
C GLY D 20 -8.99 39.72 -29.98
N LYS D 21 -8.77 39.57 -31.28
CA LYS D 21 -9.87 39.40 -32.24
C LYS D 21 -10.50 38.02 -32.18
N TYR D 22 -11.63 37.89 -32.85
CA TYR D 22 -12.37 36.62 -32.90
C TYR D 22 -13.57 36.76 -33.83
N THR D 23 -14.09 35.64 -34.30
CA THR D 23 -15.25 35.64 -35.19
C THR D 23 -16.14 34.44 -34.92
N LEU D 24 -17.45 34.65 -35.02
CA LEU D 24 -18.43 33.59 -34.79
C LEU D 24 -19.12 33.23 -36.10
N GLY D 25 -19.87 32.14 -36.09
CA GLY D 25 -20.56 31.73 -37.31
C GLY D 25 -19.80 30.75 -38.15
N TYR D 26 -20.53 29.86 -38.82
CA TYR D 26 -19.94 28.83 -39.67
C TYR D 26 -19.13 29.41 -40.83
N LYS D 27 -19.82 30.07 -41.76
CA LYS D 27 -19.19 30.65 -42.93
C LYS D 27 -17.93 31.45 -42.64
N SER D 28 -18.04 32.43 -41.74
CA SER D 28 -16.90 33.26 -41.41
C SER D 28 -15.73 32.41 -40.88
N THR D 29 -16.05 31.32 -40.18
CA THR D 29 -15.03 30.43 -39.65
C THR D 29 -14.38 29.67 -40.80
N VAL D 30 -15.20 29.10 -41.67
CA VAL D 30 -14.71 28.36 -42.82
C VAL D 30 -13.83 29.28 -43.66
N LYS D 31 -14.18 30.56 -43.67
CA LYS D 31 -13.44 31.57 -44.41
C LYS D 31 -12.11 31.78 -43.72
N SER D 32 -12.15 31.97 -42.40
CA SER D 32 -10.94 32.19 -41.61
C SER D 32 -9.96 31.05 -41.81
N LEU D 33 -10.50 29.84 -41.90
CA LEU D 33 -9.68 28.65 -42.11
C LEU D 33 -9.00 28.74 -43.46
N ARG D 34 -9.79 28.87 -44.52
CA ARG D 34 -9.23 28.97 -45.86
C ARG D 34 -8.23 30.11 -46.00
N GLN D 35 -8.53 31.25 -45.36
CA GLN D 35 -7.63 32.39 -45.41
C GLN D 35 -6.42 32.12 -44.53
N GLY D 36 -6.54 31.10 -43.67
CA GLY D 36 -5.46 30.74 -42.78
C GLY D 36 -5.20 31.74 -41.68
N LYS D 37 -6.22 32.53 -41.35
CA LYS D 37 -6.09 33.53 -40.31
C LYS D 37 -6.46 32.98 -38.93
N SER D 38 -7.45 32.10 -38.90
CA SER D 38 -7.88 31.49 -37.65
C SER D 38 -6.71 30.86 -36.91
N LYS D 39 -6.82 30.78 -35.59
CA LYS D 39 -5.80 30.18 -34.76
C LYS D 39 -6.37 28.92 -34.12
N LEU D 40 -7.63 29.00 -33.71
CA LEU D 40 -8.29 27.86 -33.08
C LEU D 40 -9.77 27.85 -33.45
N ILE D 41 -10.38 26.68 -33.41
CA ILE D 41 -11.79 26.52 -33.76
C ILE D 41 -12.53 25.73 -32.67
N ILE D 42 -13.49 26.38 -32.01
CA ILE D 42 -14.27 25.72 -30.98
C ILE D 42 -15.61 25.28 -31.52
N ILE D 43 -15.92 23.99 -31.39
CA ILE D 43 -17.19 23.46 -31.90
C ILE D 43 -18.13 22.96 -30.81
N ALA D 44 -19.42 23.27 -30.96
CA ALA D 44 -20.43 22.86 -30.00
C ALA D 44 -20.66 21.35 -30.10
N ALA D 45 -21.00 20.73 -28.98
CA ALA D 45 -21.23 19.29 -28.92
C ALA D 45 -22.27 18.79 -29.92
N ASN D 46 -23.48 19.32 -29.84
CA ASN D 46 -24.54 18.90 -30.72
C ASN D 46 -24.22 19.12 -32.20
N THR D 47 -23.82 20.35 -32.53
CA THR D 47 -23.48 20.76 -33.90
C THR D 47 -23.77 19.72 -35.00
N PRO D 48 -24.66 20.07 -35.94
CA PRO D 48 -25.12 19.29 -37.09
C PRO D 48 -24.09 18.36 -37.73
N VAL D 49 -24.58 17.26 -38.31
CA VAL D 49 -23.71 16.28 -38.96
C VAL D 49 -23.23 16.83 -40.31
N LEU D 50 -22.03 16.41 -40.73
CA LEU D 50 -21.44 16.87 -41.99
C LEU D 50 -21.30 18.39 -42.00
N ARG D 51 -21.92 19.05 -41.03
CA ARG D 51 -21.83 20.49 -40.88
C ARG D 51 -20.60 20.71 -40.00
N LYS D 52 -20.25 19.65 -39.28
CA LYS D 52 -19.10 19.66 -38.40
C LYS D 52 -17.92 19.08 -39.16
N SER D 53 -18.20 18.10 -40.03
CA SER D 53 -17.17 17.47 -40.83
C SER D 53 -16.53 18.50 -41.76
N GLU D 54 -17.32 19.50 -42.16
CA GLU D 54 -16.82 20.56 -43.02
C GLU D 54 -15.70 21.26 -42.27
N LEU D 55 -16.06 21.91 -41.16
CA LEU D 55 -15.11 22.62 -40.32
C LEU D 55 -13.90 21.75 -40.02
N GLU D 56 -14.13 20.44 -39.95
CA GLU D 56 -13.06 19.48 -39.67
C GLU D 56 -12.03 19.35 -40.77
N TYR D 57 -12.49 19.24 -42.02
CA TYR D 57 -11.55 19.10 -43.13
C TYR D 57 -10.73 20.37 -43.26
N TYR D 58 -11.43 21.48 -43.47
CA TYR D 58 -10.77 22.76 -43.64
C TYR D 58 -9.94 23.16 -42.43
N ALA D 59 -10.21 22.54 -41.29
CA ALA D 59 -9.42 22.85 -40.10
C ALA D 59 -8.12 22.07 -40.29
N MET D 60 -8.26 20.89 -40.89
CA MET D 60 -7.13 20.00 -41.18
C MET D 60 -6.27 20.60 -42.28
N LEU D 61 -6.90 20.94 -43.41
CA LEU D 61 -6.19 21.54 -44.53
C LEU D 61 -5.47 22.81 -44.12
N SER D 62 -6.08 23.58 -43.21
CA SER D 62 -5.51 24.84 -42.76
C SER D 62 -4.64 24.68 -41.52
N LYS D 63 -4.47 23.45 -41.07
CA LYS D 63 -3.66 23.18 -39.88
C LYS D 63 -4.13 24.00 -38.68
N THR D 64 -5.45 24.05 -38.49
CA THR D 64 -6.01 24.80 -37.37
C THR D 64 -6.39 23.85 -36.25
N LYS D 65 -6.04 24.23 -35.01
CA LYS D 65 -6.36 23.42 -33.85
C LYS D 65 -7.87 23.46 -33.60
N VAL D 66 -8.46 22.30 -33.34
CA VAL D 66 -9.88 22.20 -33.09
C VAL D 66 -10.18 21.78 -31.65
N TYR D 67 -10.77 22.69 -30.89
CA TYR D 67 -11.12 22.43 -29.50
C TYR D 67 -12.62 22.12 -29.41
N TYR D 68 -12.96 20.86 -29.22
CA TYR D 68 -14.36 20.49 -29.12
C TYR D 68 -14.93 20.95 -27.78
N PHE D 69 -15.95 21.79 -27.84
CA PHE D 69 -16.60 22.32 -26.64
C PHE D 69 -17.46 21.26 -25.99
N GLN D 70 -17.47 21.25 -24.68
CA GLN D 70 -18.28 20.28 -23.93
C GLN D 70 -19.59 20.92 -23.50
N GLY D 71 -20.46 21.09 -24.48
CA GLY D 71 -21.76 21.69 -24.23
C GLY D 71 -22.39 22.03 -25.57
N GLY D 72 -23.56 22.65 -25.54
CA GLY D 72 -24.23 23.02 -26.77
C GLY D 72 -23.93 24.42 -27.22
N ASN D 73 -24.43 24.76 -28.40
CA ASN D 73 -24.23 26.09 -28.98
C ASN D 73 -24.82 27.17 -28.09
N ASN D 74 -25.96 26.85 -27.47
CA ASN D 74 -26.62 27.80 -26.57
C ASN D 74 -25.68 28.25 -25.46
N GLU D 75 -24.99 27.28 -24.85
CA GLU D 75 -24.05 27.55 -23.78
C GLU D 75 -22.82 28.27 -24.32
N LEU D 76 -22.35 27.81 -25.48
CA LEU D 76 -21.18 28.40 -26.13
C LEU D 76 -21.47 29.85 -26.46
N GLY D 77 -22.68 30.12 -26.93
CA GLY D 77 -23.05 31.48 -27.29
C GLY D 77 -22.90 32.46 -26.13
N THR D 78 -23.60 32.16 -25.04
CA THR D 78 -23.55 33.01 -23.85
C THR D 78 -22.14 33.03 -23.29
N ALA D 79 -21.35 32.03 -23.65
CA ALA D 79 -19.97 31.95 -23.19
C ALA D 79 -19.12 32.95 -23.96
N VAL D 80 -19.63 33.39 -25.11
CA VAL D 80 -18.92 34.37 -25.93
C VAL D 80 -19.50 35.75 -25.68
N GLY D 81 -20.42 35.83 -24.72
CA GLY D 81 -21.05 37.10 -24.39
C GLY D 81 -22.16 37.46 -25.35
N LYS D 82 -22.91 36.46 -25.79
CA LYS D 82 -24.01 36.68 -26.71
C LYS D 82 -25.25 35.90 -26.29
N LEU D 83 -26.42 36.42 -26.69
CA LEU D 83 -27.69 35.78 -26.37
C LEU D 83 -27.97 34.59 -27.29
N PHE D 84 -27.75 34.82 -28.58
CA PHE D 84 -27.98 33.80 -29.60
C PHE D 84 -27.00 32.65 -29.49
N ARG D 85 -27.39 31.51 -30.06
CA ARG D 85 -26.57 30.30 -30.06
C ARG D 85 -25.40 30.43 -31.03
N VAL D 86 -24.35 29.65 -30.79
CA VAL D 86 -23.17 29.62 -31.65
C VAL D 86 -22.66 28.18 -31.75
N GLY D 87 -22.52 27.69 -32.98
CA GLY D 87 -22.05 26.33 -33.18
C GLY D 87 -20.54 26.25 -33.33
N VAL D 88 -19.90 27.40 -33.49
CA VAL D 88 -18.45 27.46 -33.63
C VAL D 88 -17.97 28.88 -33.45
N VAL D 89 -16.71 29.02 -33.04
CA VAL D 89 -16.11 30.32 -32.84
C VAL D 89 -14.69 30.22 -33.37
N SER D 90 -14.16 31.32 -33.89
CA SER D 90 -12.81 31.29 -34.44
C SER D 90 -11.87 32.32 -33.81
N ILE D 91 -10.85 31.81 -33.11
CA ILE D 91 -9.86 32.64 -32.46
C ILE D 91 -8.91 33.20 -33.50
N LEU D 92 -9.28 34.35 -34.09
CA LEU D 92 -8.45 34.97 -35.11
C LEU D 92 -7.13 35.43 -34.52
N GLU D 93 -7.21 36.16 -33.42
CA GLU D 93 -6.04 36.68 -32.73
C GLU D 93 -6.31 36.86 -31.24
N ALA D 94 -5.73 36.00 -30.42
CA ALA D 94 -5.90 36.09 -28.98
C ALA D 94 -4.92 37.14 -28.47
N GLY D 95 -5.36 37.96 -27.52
CA GLY D 95 -4.49 38.98 -26.98
C GLY D 95 -4.02 38.68 -25.58
N ASP D 96 -4.62 39.35 -24.60
CA ASP D 96 -4.27 39.19 -23.20
C ASP D 96 -4.69 37.81 -22.67
N SER D 97 -5.08 36.91 -23.58
CA SER D 97 -5.51 35.57 -23.20
C SER D 97 -4.41 34.54 -23.43
N ASP D 98 -4.78 33.26 -23.42
CA ASP D 98 -3.80 32.19 -23.62
C ASP D 98 -4.40 30.87 -24.08
N ILE D 99 -5.68 30.89 -24.42
CA ILE D 99 -6.38 29.68 -24.88
C ILE D 99 -5.59 28.95 -25.96
N LEU D 100 -4.72 29.68 -26.65
CA LEU D 100 -3.91 29.08 -27.72
C LEU D 100 -3.00 28.01 -27.16
N THR D 101 -2.32 28.35 -26.07
CA THR D 101 -1.39 27.43 -25.42
C THR D 101 -2.05 26.08 -25.10
N THR D 102 -1.33 25.20 -24.42
CA THR D 102 -1.83 23.87 -24.07
C THR D 102 -3.32 23.87 -23.73
N LEU D 103 -3.79 24.97 -23.15
CA LEU D 103 -5.20 25.11 -22.77
C LEU D 103 -6.13 24.42 -23.76
N ALA D 104 -5.95 24.72 -25.04
CA ALA D 104 -6.77 24.13 -26.09
C ALA D 104 -5.88 23.73 -27.26
C1 GLC E . 10.52 4.45 5.58
C2 GLC E . 10.72 3.19 6.43
C3 GLC E . 10.14 3.21 7.87
C4 GLC E . 9.55 4.55 8.33
C5 GLC E . 8.81 5.24 7.23
C6 GLC E . 8.21 6.61 7.59
O1 GLC E . 10.04 4.23 4.30
O2 GLC E . 10.17 2.06 5.72
O3 GLC E . 11.26 2.84 8.78
O4 GLC E . 8.79 4.39 9.51
O5 GLC E . 9.76 5.47 6.20
O6 GLC E . 9.07 7.68 7.28
C1 GLC E . 9.51 4.38 10.75
C2 GLC E . 8.66 3.84 11.85
C3 GLC E . 9.17 4.29 13.23
C4 GLC E . 10.54 5.09 13.22
C5 GLC E . 10.32 6.24 12.26
C6 GLC E . 11.39 7.31 12.04
O2 GLC E . 7.32 4.21 11.70
O3 GLC E . 9.22 3.18 14.08
O4 GLC E . 10.86 5.35 14.55
O5 GLC E . 10.25 5.57 10.97
O6 GLC E . 11.89 7.34 10.67
C1 GLC E . 11.85 4.33 14.72
C2 GLC E . 12.10 3.31 15.81
C3 GLC E . 13.49 3.36 16.46
C4 GLC E . 14.52 3.50 15.32
C5 GLC E . 14.25 4.86 14.59
C6 GLC E . 15.12 5.27 13.46
O2 GLC E . 10.93 3.11 16.58
O3 GLC E . 13.57 2.26 17.37
O4 GLC E . 15.82 3.34 15.81
O5 GLC E . 12.98 4.77 14.00
O6 GLC E . 14.78 6.56 12.97
C1 GLC E . 15.94 2.01 15.22
C2 GLC E . 16.54 0.77 15.89
C3 GLC E . 17.82 0.26 15.32
C4 GLC E . 17.67 0.18 13.77
C5 GLC E . 17.38 1.62 13.27
C6 GLC E . 17.22 1.80 11.80
O2 GLC E . 16.44 0.90 17.29
O3 GLC E . 18.18 -0.96 15.94
O4 GLC E . 18.83 -0.30 13.27
O5 GLC E . 16.14 2.08 13.82
O6 GLC E . 16.76 3.14 11.47
C1 GLC F . -0.32 -1.65 -24.29
C2 GLC F . -1.85 -1.74 -24.19
C3 GLC F . -2.56 -0.81 -23.17
C4 GLC F . -1.62 0.04 -22.29
C5 GLC F . -0.41 0.52 -23.02
C6 GLC F . 0.60 1.28 -22.18
O1 GLC F . 0.18 -1.53 -25.57
O2 GLC F . -2.41 -1.52 -25.49
O3 GLC F . -3.40 -1.66 -22.30
O4 GLC F . -2.36 1.08 -21.68
O5 GLC F . 0.27 -0.65 -23.47
O6 GLC F . 1.65 1.80 -22.96
C1 GLC F . -2.96 0.77 -20.44
C2 GLC F . -3.93 1.83 -20.06
C3 GLC F . -4.19 1.85 -18.55
C4 GLC F . -3.51 0.69 -17.73
C5 GLC F . -2.04 0.78 -18.08
C6 GLC F . -1.03 -0.12 -17.43
O2 GLC F . -3.45 3.10 -20.46
O3 GLC F . -5.59 1.90 -18.34
O4 GLC F . -3.92 0.85 -16.41
O5 GLC F . -2.05 0.32 -19.46
O6 GLC F . -0.13 -0.71 -18.39
C1 GLC F . -4.92 -0.16 -16.41
C2 GLC F . -6.33 -0.19 -15.82
C3 GLC F . -6.59 -1.28 -14.79
C4 GLC F . -6.00 -2.59 -15.36
C5 GLC F . -4.44 -2.40 -15.49
C6 GLC F . -3.61 -3.54 -15.99
O2 GLC F . -6.79 1.12 -15.64
O3 GLC F . -7.97 -1.22 -14.47
O4 GLC F . -6.37 -3.68 -14.59
O5 GLC F . -4.24 -1.39 -16.47
O6 GLC F . -2.24 -3.18 -16.04
C1 GLC F . -7.29 -4.23 -15.60
C2 GLC F . -8.67 -4.82 -15.29
C3 GLC F . -8.75 -6.30 -15.32
C4 GLC F . -8.10 -6.80 -16.65
C5 GLC F . -6.64 -6.36 -16.65
C6 GLC F . -5.83 -6.76 -17.85
O2 GLC F . -9.21 -4.14 -14.17
O3 GLC F . -10.08 -6.70 -15.14
O4 GLC F . -8.20 -8.16 -16.68
O5 GLC F . -6.59 -4.93 -16.62
O6 GLC F . -4.56 -6.10 -17.85
#